data_8IDE
#
_entry.id   8IDE
#
_cell.length_a   1.00
_cell.length_b   1.00
_cell.length_c   1.00
_cell.angle_alpha   90.00
_cell.angle_beta   90.00
_cell.angle_gamma   90.00
#
_symmetry.space_group_name_H-M   'P 1'
#
loop_
_entity.id
_entity.type
_entity.pdbx_description
1 polymer 'N(6)-L-threonylcarbamoyladenine synthase'
2 non-polymer 'MANGANESE (II) ION'
#
_entity_poly.entity_id   1
_entity_poly.type   'polypeptide(L)'
_entity_poly.pdbx_seq_one_letter_code
;MSSVRAQPHMSGRAPDAANVAGAVRTSAGMCATGANFERRVTILGIESSCDDTGVAVLQVGGNAPPAVLAHEAVTSWAHH
ARQADINKEHAAAVHRETVAPLVDQAMAASGVGWDAIDAIAVTVGPGMMGGLMAGVDEAVRLAALHGKPLVPVNHLEGHA
LVAGVCTRQLCFPFLVLLASGGSCQLVLARDLGDYRRLGQTLDCAPGQALDAVARALALDLGASGSGGRAIELAAKNART
DAGDDRIGDDAWPDGCDFAFGGLRDRAVALARKSLAGEADDIAKRVQALIVDQLVSRTVRAIEWCRAHVADPTALVVAGG
VAANTCLRESLQRAIGSVDLVCPPPRLCTDNGVMIAHAGALHYLHRPDAFACGPTHVCLQHEWHLGVDVSECVRADRPVP
QVAAIHASIKSDVADAARALCRGELVAFPTETVYGLGADAASDEAVQRIFDAKGRPSNNPIIVHVASKEQFYRIAGHDLD
AALRARCERLMDEFWPGPLTLLVPNGGEKLSPLVTCGLPVVGLRMPDNATAIDLIRRAGVGVAAPSANKSGRPSPTCAQH
VAADLVGERIWGVLDGRGSTYGIESTVLDVATVSIYREGPVTADDISRALDGAPVDVSSGRKELAAGEAPKAPGMLYRHY
APDTDVTVVHGTLGFLNATVRSMRDRGLRVGVIAPYGDAIDARASKVWYCMRHGDATDVMGSLGANLYAALRGLDLPDVD
VILVRAVPDSRTGGAVMERLAKASQGSRLIEPAMTARLERMIGADVVQRIARGRVLVCGLGGAGAPLVDMAVRAGVGRLG
LLDPDRVDLSNLVRMPQATLADVDRRKIDVVAERARAVNPDADLTLLAHRITPDFDMGALRAHEYDIIVDAVDDPAGKVA
LIKYAVENKLPLISCMGAGNKTDVTQVHRVVDIADADVCLLALETKRLLAKEGITRGVKCVVTQGDHWVFAPQDGHDVIG
NWPPCYFMAAAVLLDHVLRVLAGPESVEDHVRGRAVGVSTKSGIVAIP
;
_entity_poly.pdbx_strand_id   A,B
#
loop_
_chem_comp.id
_chem_comp.type
_chem_comp.name
_chem_comp.formula
MN non-polymer 'MANGANESE (II) ION' 'Mn 2'
#
# COMPACT_ATOMS: atom_id res chain seq x y z
N ALA A 32 28.94 31.12 12.02
CA ALA A 32 27.74 31.59 11.36
C ALA A 32 26.66 30.51 11.36
N THR A 33 26.55 29.78 12.47
CA THR A 33 25.58 28.71 12.59
C THR A 33 24.65 28.84 13.78
N GLY A 34 25.04 29.54 14.84
CA GLY A 34 24.15 29.70 15.98
C GLY A 34 23.04 30.69 15.70
N ALA A 35 23.38 31.96 15.55
CA ALA A 35 22.39 33.00 15.26
C ALA A 35 23.12 34.23 14.74
N ASN A 36 22.89 34.57 13.47
CA ASN A 36 23.38 35.84 12.92
C ASN A 36 22.32 36.51 12.07
N PHE A 37 21.05 36.18 12.27
CA PHE A 37 19.95 36.71 11.47
C PHE A 37 18.96 37.40 12.39
N GLU A 38 18.08 38.19 11.80
CA GLU A 38 16.94 38.75 12.52
C GLU A 38 15.86 37.67 12.62
N ARG A 39 14.65 38.07 13.02
CA ARG A 39 13.50 37.16 13.05
C ARG A 39 13.77 35.98 13.99
N ARG A 40 13.84 36.29 15.28
CA ARG A 40 14.14 35.30 16.31
C ARG A 40 12.95 34.34 16.40
N VAL A 41 13.00 33.31 15.57
CA VAL A 41 11.86 32.43 15.34
C VAL A 41 11.94 31.22 16.25
N THR A 42 10.78 30.66 16.58
CA THR A 42 10.66 29.42 17.33
C THR A 42 10.21 28.31 16.38
N ILE A 43 10.90 27.18 16.41
CA ILE A 43 10.64 26.07 15.50
C ILE A 43 10.28 24.83 16.29
N LEU A 44 9.28 24.10 15.80
CA LEU A 44 8.84 22.84 16.38
C LEU A 44 9.46 21.72 15.56
N GLY A 45 10.51 21.10 16.09
CA GLY A 45 11.17 20.00 15.42
C GLY A 45 10.64 18.66 15.90
N ILE A 46 10.33 17.78 14.95
CA ILE A 46 9.86 16.43 15.23
C ILE A 46 10.81 15.46 14.52
N GLU A 47 11.35 14.51 15.28
CA GLU A 47 12.25 13.51 14.74
C GLU A 47 11.63 12.13 14.89
N SER A 48 11.66 11.35 13.81
CA SER A 48 11.02 10.05 13.80
C SER A 48 11.82 8.99 13.03
N SER A 49 13.09 9.27 12.70
CA SER A 49 13.84 8.36 11.83
C SER A 49 14.15 7.05 12.54
N CYS A 50 14.64 7.12 13.78
CA CYS A 50 15.07 5.95 14.51
C CYS A 50 13.99 5.53 15.51
N ASP A 51 14.33 4.56 16.36
CA ASP A 51 13.38 4.09 17.36
C ASP A 51 13.04 5.19 18.36
N ASP A 52 14.03 5.98 18.75
CA ASP A 52 13.79 7.06 19.70
C ASP A 52 12.96 8.16 19.04
N THR A 53 11.88 8.55 19.71
CA THR A 53 10.97 9.58 19.23
C THR A 53 11.19 10.84 20.05
N GLY A 54 11.46 11.95 19.37
CA GLY A 54 11.75 13.20 20.05
C GLY A 54 11.09 14.37 19.35
N VAL A 55 10.74 15.36 20.15
CA VAL A 55 10.14 16.60 19.66
C VAL A 55 10.72 17.77 20.43
N ALA A 56 11.03 18.85 19.72
CA ALA A 56 11.70 20.00 20.33
C ALA A 56 11.04 21.29 19.85
N VAL A 57 11.16 22.33 20.67
CA VAL A 57 10.56 23.63 20.39
C VAL A 57 11.66 24.69 20.37
N LEU A 58 12.84 24.31 19.87
CA LEU A 58 13.99 25.20 19.84
C LEU A 58 13.64 26.56 19.25
N GLN A 59 14.37 27.58 19.71
CA GLN A 59 14.15 28.96 19.28
C GLN A 59 15.51 29.58 18.96
N VAL A 60 15.69 29.99 17.71
CA VAL A 60 16.93 30.63 17.28
C VAL A 60 16.60 32.04 16.79
N GLY A 61 17.62 32.76 16.36
CA GLY A 61 17.47 34.05 15.73
C GLY A 61 18.04 35.16 16.57
N GLY A 62 17.93 36.38 16.06
CA GLY A 62 18.49 37.54 16.74
C GLY A 62 19.99 37.44 16.84
N ASN A 63 20.51 37.66 18.04
CA ASN A 63 21.93 37.53 18.33
C ASN A 63 22.15 36.76 19.64
N ALA A 64 21.35 35.73 19.87
CA ALA A 64 21.42 34.96 21.10
C ALA A 64 21.53 33.48 20.78
N PRO A 65 22.14 32.70 21.68
CA PRO A 65 22.21 31.25 21.47
C PRO A 65 20.83 30.63 21.47
N PRO A 66 20.65 29.53 20.75
CA PRO A 66 19.35 28.85 20.77
C PRO A 66 19.01 28.34 22.15
N ALA A 67 17.70 28.33 22.45
CA ALA A 67 17.19 27.94 23.75
C ALA A 67 16.24 26.77 23.59
N VAL A 68 16.49 25.70 24.34
CA VAL A 68 15.65 24.50 24.29
C VAL A 68 14.42 24.78 25.14
N LEU A 69 13.34 25.21 24.50
CA LEU A 69 12.13 25.56 25.24
C LEU A 69 11.39 24.33 25.73
N ALA A 70 11.39 23.26 24.94
CA ALA A 70 10.82 21.99 25.35
C ALA A 70 11.54 20.87 24.61
N HIS A 71 11.79 19.77 25.31
CA HIS A 71 12.63 18.71 24.77
C HIS A 71 12.03 17.34 25.10
N GLU A 72 10.72 17.19 24.92
CA GLU A 72 10.07 15.91 25.20
C GLU A 72 10.54 14.84 24.22
N ALA A 73 10.78 13.65 24.74
CA ALA A 73 11.26 12.54 23.92
C ALA A 73 10.94 11.22 24.60
N VAL A 74 10.82 10.18 23.77
CA VAL A 74 10.60 8.82 24.23
C VAL A 74 11.40 7.87 23.35
N THR A 75 12.14 6.96 23.98
CA THR A 75 12.96 6.00 23.23
C THR A 75 12.32 4.63 23.13
N SER A 76 11.51 4.23 24.11
CA SER A 76 10.87 2.93 24.11
C SER A 76 9.91 2.78 22.94
N ALA A 92 6.35 1.90 13.10
CA ALA A 92 5.96 1.10 14.24
C ALA A 92 4.64 1.58 14.84
N ALA A 93 3.85 0.65 15.35
CA ALA A 93 2.57 1.02 15.97
C ALA A 93 2.79 1.85 17.23
N VAL A 94 3.80 1.50 18.03
CA VAL A 94 4.10 2.26 19.24
C VAL A 94 4.50 3.69 18.87
N HIS A 95 5.32 3.84 17.84
CA HIS A 95 5.74 5.17 17.41
C HIS A 95 4.55 6.01 16.94
N ARG A 96 3.67 5.42 16.14
CA ARG A 96 2.49 6.15 15.67
C ARG A 96 1.57 6.50 16.83
N GLU A 97 1.48 5.63 17.82
CA GLU A 97 0.71 5.94 19.02
C GLU A 97 1.31 7.11 19.80
N THR A 98 2.64 7.14 19.91
CA THR A 98 3.27 8.09 20.82
C THR A 98 3.57 9.43 20.15
N VAL A 99 3.51 9.51 18.82
CA VAL A 99 3.94 10.73 18.13
C VAL A 99 3.08 11.92 18.54
N ALA A 100 1.78 11.71 18.75
CA ALA A 100 0.91 12.83 19.11
C ALA A 100 1.03 13.22 20.58
N PRO A 101 1.02 12.30 21.55
CA PRO A 101 1.20 12.72 22.94
C PRO A 101 2.50 13.48 23.18
N LEU A 102 3.58 13.10 22.50
CA LEU A 102 4.86 13.78 22.74
C LEU A 102 4.81 15.23 22.28
N VAL A 103 4.28 15.48 21.09
CA VAL A 103 4.22 16.87 20.61
C VAL A 103 3.23 17.67 21.44
N ASP A 104 2.13 17.05 21.86
CA ASP A 104 1.16 17.76 22.69
C ASP A 104 1.79 18.16 24.03
N GLN A 105 2.51 17.22 24.66
CA GLN A 105 3.14 17.50 25.94
C GLN A 105 4.27 18.51 25.80
N ALA A 106 5.00 18.46 24.68
CA ALA A 106 6.04 19.46 24.45
C ALA A 106 5.44 20.85 24.31
N MET A 107 4.31 20.96 23.60
CA MET A 107 3.63 22.25 23.51
C MET A 107 3.15 22.71 24.87
N ALA A 108 2.60 21.79 25.67
CA ALA A 108 2.13 22.14 27.00
C ALA A 108 3.27 22.65 27.88
N ALA A 109 4.41 21.96 27.84
CA ALA A 109 5.54 22.33 28.69
C ALA A 109 6.20 23.62 28.22
N SER A 110 6.30 23.83 26.90
CA SER A 110 6.94 25.03 26.39
C SER A 110 6.14 26.28 26.76
N GLY A 111 4.84 26.27 26.50
CA GLY A 111 3.99 27.39 26.85
C GLY A 111 4.28 28.68 26.11
N VAL A 112 5.12 28.63 25.07
CA VAL A 112 5.43 29.84 24.31
C VAL A 112 4.23 30.30 23.49
N GLY A 113 3.52 29.36 22.88
CA GLY A 113 2.36 29.71 22.08
C GLY A 113 2.31 28.97 20.76
N TRP A 114 1.19 28.32 20.49
CA TRP A 114 1.00 27.59 19.24
C TRP A 114 0.93 28.51 18.02
N ASP A 115 0.78 29.81 18.23
CA ASP A 115 0.82 30.77 17.13
C ASP A 115 2.22 31.33 16.89
N ALA A 116 3.08 31.32 17.90
CA ALA A 116 4.44 31.82 17.72
C ALA A 116 5.31 30.87 16.90
N ILE A 117 4.95 29.59 16.89
CA ILE A 117 5.70 28.59 16.13
C ILE A 117 5.51 28.86 14.64
N ASP A 118 6.62 29.07 13.93
CA ASP A 118 6.57 29.40 12.51
C ASP A 118 7.07 28.28 11.61
N ALA A 119 7.27 27.08 12.15
CA ALA A 119 7.66 25.95 11.32
C ALA A 119 7.36 24.66 12.07
N ILE A 120 7.15 23.59 11.30
CA ILE A 120 6.83 22.28 11.86
C ILE A 120 7.91 21.32 11.37
N ALA A 121 9.13 21.83 11.24
CA ALA A 121 10.26 21.09 10.68
C ALA A 121 10.31 19.65 11.18
N VAL A 122 10.25 18.71 10.25
CA VAL A 122 10.22 17.28 10.56
C VAL A 122 11.25 16.58 9.69
N THR A 123 11.71 15.42 10.16
CA THR A 123 12.71 14.66 9.44
C THR A 123 12.06 13.83 8.32
N VAL A 124 12.72 13.82 7.17
CA VAL A 124 12.34 12.96 6.06
C VAL A 124 13.60 12.25 5.58
N GLY A 125 14.67 12.34 6.36
CA GLY A 125 15.95 11.78 6.00
C GLY A 125 16.03 10.30 6.28
N PRO A 126 17.24 9.74 6.25
CA PRO A 126 17.40 8.31 6.47
C PRO A 126 16.88 7.88 7.83
N GLY A 127 16.25 6.72 7.86
CA GLY A 127 15.68 6.20 9.09
C GLY A 127 14.66 5.12 8.78
N MET A 128 14.06 4.61 9.85
CA MET A 128 13.01 3.62 9.70
C MET A 128 11.83 4.20 8.94
N MET A 129 11.36 3.48 7.93
CA MET A 129 10.39 4.05 7.01
C MET A 129 9.04 4.27 7.68
N GLY A 130 8.62 3.32 8.52
CA GLY A 130 7.35 3.48 9.22
C GLY A 130 7.37 4.65 10.19
N GLY A 131 8.45 4.79 10.95
CA GLY A 131 8.57 5.94 11.83
C GLY A 131 8.60 7.24 11.06
N LEU A 132 9.30 7.27 9.93
CA LEU A 132 9.32 8.46 9.10
C LEU A 132 7.92 8.82 8.62
N MET A 133 7.15 7.82 8.17
CA MET A 133 5.79 8.09 7.72
C MET A 133 4.93 8.61 8.85
N ALA A 134 5.05 8.02 10.05
CA ALA A 134 4.26 8.49 11.18
C ALA A 134 4.60 9.93 11.52
N GLY A 135 5.89 10.25 11.60
CA GLY A 135 6.29 11.60 11.96
C GLY A 135 5.87 12.62 10.91
N VAL A 136 6.05 12.29 9.63
CA VAL A 136 5.66 13.22 8.57
C VAL A 136 4.14 13.38 8.55
N ASP A 137 3.46 12.27 8.77
CA ASP A 137 1.99 12.27 8.73
C ASP A 137 1.48 12.88 10.03
N GLU A 138 2.37 13.32 10.92
CA GLU A 138 1.91 13.95 12.18
C GLU A 138 2.23 15.44 12.08
N ALA A 139 3.30 15.76 11.36
CA ALA A 139 3.74 17.12 11.06
C ALA A 139 2.83 17.76 10.01
N VAL A 140 2.47 17.02 8.97
CA VAL A 140 1.60 17.56 7.93
C VAL A 140 0.21 17.82 8.49
N ARG A 141 -0.27 16.94 9.38
CA ARG A 141 -1.57 17.17 10.01
C ARG A 141 -1.57 18.48 10.80
N LEU A 142 -0.52 18.69 11.60
CA LEU A 142 -0.43 19.93 12.37
C LEU A 142 -0.33 21.15 11.45
N ALA A 143 0.49 21.05 10.41
CA ALA A 143 0.66 22.16 9.49
C ALA A 143 -0.65 22.53 8.80
N ALA A 144 -1.38 21.51 8.33
CA ALA A 144 -2.67 21.78 7.68
C ALA A 144 -3.68 22.35 8.66
N LEU A 145 -3.70 21.83 9.89
CA LEU A 145 -4.66 22.31 10.88
C LEU A 145 -4.34 23.72 11.35
N HIS A 146 -3.08 24.17 11.22
CA HIS A 146 -2.71 25.45 11.79
C HIS A 146 -1.92 26.35 10.86
N GLY A 147 -1.86 26.04 9.57
CA GLY A 147 -1.26 26.95 8.60
C GLY A 147 0.19 27.28 8.86
N LYS A 148 0.97 26.31 9.32
CA LYS A 148 2.38 26.54 9.55
C LYS A 148 3.21 25.87 8.46
N PRO A 149 4.21 26.55 7.91
CA PRO A 149 5.02 25.93 6.85
C PRO A 149 5.81 24.74 7.37
N LEU A 150 5.99 23.76 6.50
CA LEU A 150 6.67 22.52 6.83
C LEU A 150 8.07 22.53 6.22
N VAL A 151 9.05 22.17 7.03
CA VAL A 151 10.46 22.18 6.63
C VAL A 151 11.00 20.76 6.70
N PRO A 152 11.13 20.08 5.58
CA PRO A 152 11.81 18.78 5.59
C PRO A 152 13.32 18.95 5.74
N VAL A 153 13.89 18.13 6.62
CA VAL A 153 15.31 18.21 6.95
C VAL A 153 15.90 16.80 6.88
N ASN A 154 17.23 16.76 6.78
CA ASN A 154 17.97 15.51 6.69
C ASN A 154 18.50 15.12 8.06
N HIS A 155 18.43 13.82 8.37
CA HIS A 155 18.87 13.34 9.67
C HIS A 155 20.36 13.62 9.90
N LEU A 156 21.20 13.36 8.90
CA LEU A 156 22.63 13.60 9.05
C LEU A 156 22.93 15.08 9.22
N GLU A 157 22.26 15.93 8.43
CA GLU A 157 22.41 17.37 8.60
C GLU A 157 21.94 17.80 9.98
N GLY A 158 20.85 17.20 10.45
CA GLY A 158 20.41 17.48 11.81
C GLY A 158 21.47 17.15 12.83
N HIS A 159 22.10 15.98 12.71
CA HIS A 159 23.14 15.59 13.65
C HIS A 159 24.30 16.58 13.63
N ALA A 160 24.73 16.97 12.42
CA ALA A 160 25.82 17.93 12.30
C ALA A 160 25.47 19.25 12.98
N LEU A 161 24.28 19.78 12.69
CA LEU A 161 23.90 21.07 13.25
C LEU A 161 23.72 20.99 14.77
N VAL A 162 23.15 19.90 15.27
CA VAL A 162 22.95 19.79 16.72
C VAL A 162 24.28 19.69 17.44
N ALA A 163 25.23 18.97 16.86
CA ALA A 163 26.56 18.99 17.44
C ALA A 163 27.23 20.33 17.25
N GLY A 164 26.71 21.17 16.36
CA GLY A 164 27.13 22.56 16.26
C GLY A 164 26.42 23.52 17.18
N VAL A 165 25.40 23.06 17.93
CA VAL A 165 24.70 23.96 18.85
C VAL A 165 25.61 24.32 20.02
N CYS A 166 25.33 25.50 20.61
CA CYS A 166 26.12 26.09 21.69
C CYS A 166 27.51 26.45 21.18
N THR A 167 28.54 25.92 21.83
CA THR A 167 29.94 26.10 21.41
C THR A 167 30.24 27.58 21.14
N ARG A 168 29.81 28.43 22.07
CA ARG A 168 29.85 29.89 21.95
C ARG A 168 29.68 30.36 20.51
N GLN A 169 30.77 30.45 19.76
CA GLN A 169 30.76 30.87 18.37
C GLN A 169 31.36 29.75 17.53
N LEU A 170 30.67 29.38 16.45
CA LEU A 170 31.12 28.32 15.56
C LEU A 170 30.94 28.80 14.12
N CYS A 171 32.04 29.16 13.47
CA CYS A 171 31.98 29.55 12.08
C CYS A 171 31.63 28.34 11.21
N PHE A 172 30.98 28.62 10.08
CA PHE A 172 30.40 27.54 9.29
C PHE A 172 31.42 26.66 8.56
N PRO A 173 32.62 27.15 8.18
CA PRO A 173 33.61 26.21 7.63
C PRO A 173 34.11 25.24 8.68
N PHE A 174 33.32 24.21 8.99
CA PHE A 174 33.69 23.20 9.98
C PHE A 174 33.42 21.81 9.42
N LEU A 175 34.13 20.84 10.01
CA LEU A 175 34.08 19.45 9.60
C LEU A 175 33.31 18.62 10.63
N VAL A 176 32.66 17.56 10.16
CA VAL A 176 31.80 16.75 11.00
C VAL A 176 32.26 15.30 10.93
N LEU A 177 32.01 14.56 12.02
CA LEU A 177 32.46 13.17 12.16
C LEU A 177 31.27 12.28 12.55
N LEU A 178 30.19 12.35 11.78
CA LEU A 178 28.92 11.69 12.09
C LEU A 178 29.09 10.24 12.53
N ALA A 179 28.78 9.96 13.80
CA ALA A 179 28.80 8.63 14.39
C ALA A 179 27.38 8.11 14.59
N SER A 180 27.28 7.01 15.36
CA SER A 180 26.00 6.45 15.81
C SER A 180 25.15 5.95 14.64
N GLY A 181 25.67 4.96 13.95
CA GLY A 181 24.93 4.30 12.89
C GLY A 181 25.89 3.75 11.87
N GLY A 182 25.32 3.03 10.90
CA GLY A 182 26.12 2.45 9.84
C GLY A 182 26.50 3.48 8.78
N SER A 183 26.61 4.73 9.22
CA SER A 183 26.95 5.85 8.35
C SER A 183 28.01 6.72 9.02
N CYS A 184 29.09 6.09 9.49
CA CYS A 184 30.17 6.84 10.10
C CYS A 184 30.90 7.64 9.03
N GLN A 185 30.54 8.91 8.90
CA GLN A 185 30.90 9.73 7.74
C GLN A 185 31.78 10.89 8.17
N LEU A 186 32.63 11.34 7.25
CA LEU A 186 33.38 12.59 7.40
C LEU A 186 32.87 13.57 6.35
N VAL A 187 32.15 14.60 6.81
CA VAL A 187 31.57 15.59 5.90
C VAL A 187 32.12 16.96 6.28
N LEU A 188 32.19 17.84 5.28
CA LEU A 188 32.66 19.20 5.47
C LEU A 188 31.52 20.15 5.12
N ALA A 189 31.15 21.00 6.08
CA ALA A 189 30.06 21.94 5.89
C ALA A 189 30.60 23.22 5.25
N ARG A 190 30.89 23.12 3.95
CA ARG A 190 31.41 24.27 3.22
C ARG A 190 30.42 25.43 3.25
N ASP A 191 29.13 25.12 3.06
CA ASP A 191 28.07 26.10 3.20
C ASP A 191 26.77 25.34 3.50
N LEU A 192 25.78 26.05 4.02
CA LEU A 192 24.53 25.42 4.41
C LEU A 192 23.88 24.80 3.18
N GLY A 193 23.79 23.47 3.17
CA GLY A 193 23.34 22.74 2.02
C GLY A 193 24.44 22.36 1.04
N ASP A 194 25.68 22.78 1.29
CA ASP A 194 26.82 22.48 0.42
C ASP A 194 27.74 21.44 1.05
N TYR A 195 27.16 20.47 1.74
CA TYR A 195 27.96 19.46 2.43
C TYR A 195 28.61 18.53 1.42
N ARG A 196 29.92 18.34 1.56
CA ARG A 196 30.69 17.44 0.71
C ARG A 196 31.16 16.27 1.55
N ARG A 197 30.78 15.05 1.17
CA ARG A 197 31.11 13.88 1.96
C ARG A 197 32.53 13.41 1.62
N LEU A 198 33.47 13.65 2.53
CA LEU A 198 34.86 13.28 2.28
C LEU A 198 35.06 11.78 2.38
N GLY A 199 34.45 11.13 3.37
CA GLY A 199 34.64 9.71 3.57
C GLY A 199 33.46 9.07 4.26
N GLN A 200 33.37 7.76 4.13
CA GLN A 200 32.28 6.99 4.73
C GLN A 200 32.78 5.59 4.99
N THR A 201 32.38 5.01 6.13
CA THR A 201 32.86 3.69 6.51
C THR A 201 32.33 2.63 5.55
N LEU A 202 33.26 1.87 4.95
CA LEU A 202 32.88 0.92 3.92
C LEU A 202 32.24 -0.33 4.50
N ASP A 203 32.67 -0.75 5.70
CA ASP A 203 32.22 -2.01 6.26
C ASP A 203 31.38 -1.84 7.51
N CYS A 204 31.89 -1.16 8.54
CA CYS A 204 31.18 -1.06 9.80
C CYS A 204 31.59 0.20 10.54
N ALA A 205 30.77 0.57 11.53
CA ALA A 205 30.96 1.75 12.35
C ALA A 205 31.64 1.39 13.68
N PRO A 206 32.28 2.36 14.32
CA PRO A 206 32.88 2.08 15.65
C PRO A 206 31.87 1.57 16.66
N GLY A 207 30.62 2.04 16.62
CA GLY A 207 29.64 1.60 17.59
C GLY A 207 29.38 0.10 17.53
N GLN A 208 29.31 -0.45 16.31
CA GLN A 208 29.14 -1.90 16.17
C GLN A 208 30.33 -2.64 16.74
N ALA A 209 31.54 -2.13 16.51
CA ALA A 209 32.74 -2.76 17.07
C ALA A 209 32.71 -2.74 18.59
N LEU A 210 32.33 -1.61 19.19
CA LEU A 210 32.24 -1.52 20.64
C LEU A 210 31.19 -2.49 21.18
N ASP A 211 30.04 -2.59 20.53
CA ASP A 211 29.00 -3.52 20.97
C ASP A 211 29.49 -4.96 20.87
N ALA A 212 30.18 -5.32 19.78
CA ALA A 212 30.68 -6.66 19.62
C ALA A 212 31.74 -6.99 20.67
N VAL A 213 32.64 -6.05 20.94
CA VAL A 213 33.66 -6.28 21.96
C VAL A 213 33.01 -6.42 23.34
N ALA A 214 31.98 -5.62 23.60
CA ALA A 214 31.26 -5.72 24.87
C ALA A 214 30.60 -7.08 25.02
N ARG A 215 29.98 -7.59 23.96
CA ARG A 215 29.38 -8.92 24.02
C ARG A 215 30.44 -9.99 24.21
N ALA A 216 31.60 -9.83 23.56
CA ALA A 216 32.69 -10.78 23.75
C ALA A 216 33.17 -10.78 25.20
N LEU A 217 33.25 -9.61 25.81
CA LEU A 217 33.59 -9.48 27.22
C LEU A 217 32.39 -9.58 28.14
N ALA A 218 31.18 -9.70 27.59
CA ALA A 218 29.93 -9.73 28.35
C ALA A 218 29.73 -8.50 29.21
N LEU A 219 30.49 -7.43 28.97
CA LEU A 219 30.43 -6.23 29.78
C LEU A 219 29.50 -5.18 29.15
N ASP A 220 28.25 -5.58 28.95
CA ASP A 220 27.26 -4.64 28.43
C ASP A 220 27.00 -3.52 29.42
N LEU A 221 26.69 -3.87 30.67
CA LEU A 221 26.48 -2.93 31.77
C LEU A 221 25.51 -1.81 31.37
N GLY A 222 24.30 -2.24 31.01
CA GLY A 222 23.27 -1.32 30.57
C GLY A 222 22.81 -1.56 29.14
N ALA A 223 22.50 -0.49 28.42
CA ALA A 223 22.00 -0.59 27.05
C ALA A 223 22.66 0.45 26.16
N SER A 224 22.81 0.10 24.89
CA SER A 224 23.27 1.02 23.82
C SER A 224 24.69 1.48 24.15
N GLY A 225 24.94 2.78 24.30
CA GLY A 225 26.30 3.27 24.49
C GLY A 225 26.87 3.00 25.88
N SER A 226 26.08 2.38 26.76
CA SER A 226 26.59 2.03 28.07
C SER A 226 27.75 1.06 27.98
N GLY A 227 27.69 0.12 27.02
CA GLY A 227 28.80 -0.78 26.82
C GLY A 227 30.07 -0.05 26.40
N GLY A 228 29.93 0.90 25.48
CA GLY A 228 31.08 1.72 25.11
C GLY A 228 31.62 2.53 26.27
N ARG A 229 30.72 3.06 27.10
CA ARG A 229 31.15 3.79 28.29
C ARG A 229 31.95 2.88 29.22
N ALA A 230 31.47 1.65 29.43
CA ALA A 230 32.19 0.71 30.29
C ALA A 230 33.55 0.36 29.70
N ILE A 231 33.62 0.15 28.38
CA ILE A 231 34.89 -0.19 27.75
C ILE A 231 35.89 0.95 27.86
N GLU A 232 35.43 2.19 27.64
CA GLU A 232 36.30 3.34 27.85
C GLU A 232 36.72 3.48 29.31
N LEU A 233 35.83 3.14 30.25
CA LEU A 233 36.21 3.14 31.66
C LEU A 233 37.25 2.08 31.97
N ALA A 234 37.25 0.97 31.23
CA ALA A 234 38.18 -0.12 31.48
C ALA A 234 39.63 0.27 31.29
N ALA A 235 39.91 1.36 30.58
CA ALA A 235 41.28 1.82 30.36
C ALA A 235 41.84 2.32 31.67
N LYS A 236 42.74 1.54 32.27
CA LYS A 236 43.35 1.86 33.55
C LYS A 236 44.73 2.48 33.40
N ASN A 237 45.11 2.89 32.18
CA ASN A 237 46.37 3.58 31.89
C ASN A 237 47.51 2.60 32.11
N ALA A 238 48.37 2.78 33.12
CA ALA A 238 49.60 2.01 33.22
C ALA A 238 49.33 0.51 33.39
N ARG A 239 48.35 0.16 34.23
CA ARG A 239 48.10 -1.25 34.52
C ARG A 239 47.62 -1.99 33.27
N THR A 240 46.65 -1.43 32.56
CA THR A 240 46.14 -2.08 31.36
C THR A 240 47.16 -2.05 30.23
N ASP A 241 48.00 -1.01 30.17
CA ASP A 241 49.06 -0.98 29.17
C ASP A 241 50.09 -2.08 29.42
N ALA A 242 50.48 -2.28 30.68
CA ALA A 242 51.39 -3.36 31.01
C ALA A 242 50.76 -4.72 30.73
N GLY A 243 49.47 -4.86 31.03
CA GLY A 243 48.78 -6.11 30.71
C GLY A 243 48.73 -6.39 29.23
N ASP A 244 48.50 -5.36 28.42
CA ASP A 244 48.50 -5.51 26.97
C ASP A 244 49.90 -5.87 26.47
N ASP A 245 50.94 -5.26 27.05
CA ASP A 245 52.30 -5.60 26.67
C ASP A 245 52.62 -7.06 27.00
N ARG A 246 52.17 -7.52 28.18
CA ARG A 246 52.35 -8.92 28.54
C ARG A 246 51.55 -9.84 27.62
N ILE A 247 50.31 -9.46 27.29
CA ILE A 247 49.47 -10.24 26.39
C ILE A 247 49.94 -10.08 24.96
N GLY A 248 49.44 -10.92 24.06
CA GLY A 248 49.83 -10.85 22.67
C GLY A 248 49.16 -9.73 21.90
N ASP A 249 47.84 -9.61 22.06
CA ASP A 249 47.03 -8.61 21.35
C ASP A 249 47.10 -8.81 19.84
N ASP A 250 46.38 -7.95 19.10
CA ASP A 250 46.36 -8.01 17.65
C ASP A 250 45.88 -6.66 17.12
N ALA A 251 46.48 -6.24 16.01
CA ALA A 251 46.14 -4.97 15.40
C ALA A 251 46.57 -4.98 13.95
N TRP A 252 45.60 -4.86 13.03
CA TRP A 252 45.93 -4.86 11.62
C TRP A 252 44.86 -4.15 10.78
N PRO A 253 44.65 -2.84 10.99
CA PRO A 253 43.76 -2.11 10.08
C PRO A 253 44.43 -1.84 8.74
N ASP A 254 45.71 -1.48 8.78
CA ASP A 254 46.58 -1.23 7.64
C ASP A 254 46.14 -0.05 6.78
N GLY A 255 45.11 0.69 7.20
CA GLY A 255 44.66 1.84 6.44
C GLY A 255 43.75 1.46 5.29
N CYS A 256 42.62 2.15 5.16
CA CYS A 256 41.66 1.90 4.09
C CYS A 256 41.63 3.12 3.19
N ASP A 257 42.39 3.05 2.08
CA ASP A 257 42.49 4.12 1.09
C ASP A 257 42.95 5.38 1.83
N PHE A 258 42.30 6.52 1.66
CA PHE A 258 42.69 7.74 2.33
C PHE A 258 41.57 8.40 3.12
N ALA A 259 40.34 8.34 2.63
CA ALA A 259 39.24 9.04 3.28
C ALA A 259 38.94 8.49 4.68
N PHE A 260 38.46 7.25 4.75
CA PHE A 260 38.03 6.66 6.02
C PHE A 260 37.58 5.21 5.83
N GLY A 261 37.61 4.43 6.90
CA GLY A 261 37.01 3.10 6.89
C GLY A 261 37.80 2.04 7.63
N GLY A 262 37.12 1.24 8.43
CA GLY A 262 37.74 0.08 9.04
C GLY A 262 36.81 -0.78 9.87
N LEU A 263 36.84 -2.09 9.62
CA LEU A 263 36.11 -3.04 10.45
C LEU A 263 36.85 -4.35 10.68
N ARG A 264 38.03 -4.53 10.09
CA ARG A 264 38.78 -5.78 10.28
C ARG A 264 39.26 -5.93 11.72
N ASP A 265 39.53 -4.82 12.40
CA ASP A 265 39.94 -4.89 13.80
C ASP A 265 38.87 -5.53 14.66
N ARG A 266 37.60 -5.17 14.43
CA ARG A 266 36.51 -5.79 15.17
C ARG A 266 36.41 -7.28 14.87
N ALA A 267 36.58 -7.66 13.60
CA ALA A 267 36.51 -9.07 13.23
C ALA A 267 37.61 -9.88 13.91
N VAL A 268 38.82 -9.34 13.94
CA VAL A 268 39.91 -10.02 14.66
C VAL A 268 39.63 -10.07 16.15
N ALA A 269 39.09 -8.98 16.71
CA ALA A 269 38.82 -8.93 18.14
C ALA A 269 37.77 -9.93 18.56
N LEU A 270 36.80 -10.24 17.67
CA LEU A 270 35.82 -11.28 17.98
C LEU A 270 36.51 -12.59 18.34
N ALA A 271 37.40 -13.06 17.47
CA ALA A 271 38.11 -14.31 17.74
C ALA A 271 39.09 -14.15 18.91
N ARG A 272 39.71 -12.97 19.05
CA ARG A 272 40.66 -12.76 20.13
C ARG A 272 39.99 -12.87 21.49
N LYS A 273 38.78 -12.31 21.62
CA LYS A 273 38.11 -12.26 22.92
C LYS A 273 37.06 -13.35 23.11
N SER A 274 36.79 -14.17 22.10
CA SER A 274 35.81 -15.23 22.27
C SER A 274 36.29 -16.27 23.28
N LEU A 275 37.58 -16.59 23.28
CA LEU A 275 38.11 -17.64 24.13
C LEU A 275 38.75 -17.12 25.40
N ALA A 276 39.38 -15.95 25.37
CA ALA A 276 40.08 -15.44 26.54
C ALA A 276 39.09 -15.03 27.63
N GLY A 277 39.61 -14.94 28.85
CA GLY A 277 38.80 -14.58 30.00
C GLY A 277 38.88 -13.11 30.33
N GLU A 278 39.61 -12.76 31.39
CA GLU A 278 39.81 -11.37 31.77
C GLU A 278 40.62 -10.69 30.68
N ALA A 279 39.96 -9.84 29.89
CA ALA A 279 40.56 -9.21 28.71
C ALA A 279 40.41 -7.69 28.80
N ASP A 280 40.70 -7.13 29.97
CA ASP A 280 40.75 -5.68 30.10
C ASP A 280 41.80 -5.09 29.18
N ASP A 281 42.96 -5.74 29.08
CA ASP A 281 44.01 -5.27 28.18
C ASP A 281 43.56 -5.30 26.73
N ILE A 282 42.79 -6.34 26.35
CA ILE A 282 42.26 -6.41 24.98
C ILE A 282 41.29 -5.26 24.73
N ALA A 283 40.44 -4.94 25.70
CA ALA A 283 39.52 -3.82 25.55
C ALA A 283 40.27 -2.51 25.39
N LYS A 284 41.31 -2.30 26.21
CA LYS A 284 42.12 -1.10 26.08
C LYS A 284 42.79 -1.04 24.72
N ARG A 285 43.30 -2.17 24.24
CA ARG A 285 43.98 -2.20 22.94
C ARG A 285 43.02 -1.87 21.81
N VAL A 286 41.82 -2.44 21.82
CA VAL A 286 40.87 -2.19 20.73
C VAL A 286 40.39 -0.74 20.79
N GLN A 287 40.16 -0.21 21.99
CA GLN A 287 39.78 1.20 22.12
C GLN A 287 40.87 2.11 21.57
N ALA A 288 42.13 1.84 21.94
CA ALA A 288 43.23 2.66 21.46
C ALA A 288 43.37 2.58 19.95
N LEU A 289 43.21 1.38 19.38
CA LEU A 289 43.36 1.23 17.93
C LEU A 289 42.22 1.92 17.19
N ILE A 290 40.99 1.84 17.72
CA ILE A 290 39.87 2.54 17.10
C ILE A 290 40.11 4.05 17.14
N VAL A 291 40.57 4.55 18.29
CA VAL A 291 40.85 5.98 18.41
C VAL A 291 41.95 6.39 17.43
N ASP A 292 42.98 5.56 17.31
CA ASP A 292 44.07 5.87 16.39
C ASP A 292 43.58 5.94 14.95
N GLN A 293 42.75 4.97 14.54
CA GLN A 293 42.22 5.01 13.18
C GLN A 293 41.34 6.24 12.96
N LEU A 294 40.47 6.54 13.92
CA LEU A 294 39.58 7.70 13.78
C LEU A 294 40.40 8.98 13.64
N VAL A 295 41.37 9.18 14.53
CA VAL A 295 42.14 10.42 14.49
C VAL A 295 43.02 10.48 13.25
N SER A 296 43.54 9.34 12.80
CA SER A 296 44.38 9.34 11.60
C SER A 296 43.56 9.75 10.38
N ARG A 297 42.38 9.14 10.20
CA ARG A 297 41.56 9.50 9.04
C ARG A 297 41.07 10.93 9.15
N THR A 298 40.74 11.38 10.37
CA THR A 298 40.30 12.75 10.57
C THR A 298 41.38 13.74 10.17
N VAL A 299 42.61 13.52 10.64
CA VAL A 299 43.69 14.47 10.34
C VAL A 299 44.06 14.39 8.87
N ARG A 300 43.97 13.22 8.25
CA ARG A 300 44.22 13.13 6.81
C ARG A 300 43.18 13.95 6.04
N ALA A 301 41.91 13.83 6.42
CA ALA A 301 40.87 14.63 5.77
C ALA A 301 41.08 16.12 6.00
N ILE A 302 41.50 16.50 7.21
CA ILE A 302 41.75 17.91 7.50
C ILE A 302 42.88 18.44 6.62
N GLU A 303 43.97 17.67 6.50
CA GLU A 303 45.08 18.11 5.65
C GLU A 303 44.63 18.25 4.21
N TRP A 304 43.90 17.26 3.70
CA TRP A 304 43.47 17.31 2.30
C TRP A 304 42.56 18.51 2.06
N CYS A 305 41.58 18.72 2.92
CA CYS A 305 40.63 19.82 2.72
C CYS A 305 41.33 21.17 2.87
N ARG A 306 42.20 21.31 3.86
CA ARG A 306 42.98 22.53 3.99
C ARG A 306 43.84 22.76 2.77
N ALA A 307 44.25 21.68 2.10
CA ALA A 307 45.06 21.82 0.88
C ALA A 307 44.21 22.35 -0.27
N HIS A 308 43.11 21.66 -0.61
CA HIS A 308 42.40 21.98 -1.84
C HIS A 308 41.14 22.82 -1.67
N VAL A 309 40.54 22.87 -0.48
CA VAL A 309 39.35 23.68 -0.29
C VAL A 309 39.53 24.58 0.93
N ALA A 310 38.46 25.29 1.31
CA ALA A 310 38.52 26.17 2.46
C ALA A 310 38.84 25.38 3.72
N ASP A 311 39.77 25.90 4.51
CA ASP A 311 40.22 25.21 5.71
C ASP A 311 39.10 25.18 6.75
N PRO A 312 39.02 24.13 7.55
CA PRO A 312 37.98 24.06 8.59
C PRO A 312 38.30 24.97 9.75
N THR A 313 37.24 25.31 10.51
CA THR A 313 37.37 26.10 11.71
C THR A 313 36.86 25.38 12.95
N ALA A 314 36.47 24.11 12.83
CA ALA A 314 36.04 23.31 13.97
C ALA A 314 36.11 21.85 13.57
N LEU A 315 36.03 20.98 14.57
CA LEU A 315 36.05 19.53 14.36
C LEU A 315 34.88 18.88 15.08
N VAL A 316 33.69 19.41 14.82
CA VAL A 316 32.44 18.87 15.33
C VAL A 316 32.39 17.36 15.14
N VAL A 317 32.13 16.63 16.23
CA VAL A 317 31.98 15.18 16.20
C VAL A 317 30.58 14.84 16.71
N ALA A 318 29.83 14.12 15.90
CA ALA A 318 28.46 13.77 16.26
C ALA A 318 28.43 12.32 16.78
N GLY A 319 27.23 11.82 17.07
CA GLY A 319 27.06 10.44 17.47
C GLY A 319 27.45 10.20 18.91
N GLY A 320 27.27 8.94 19.33
CA GLY A 320 27.54 8.52 20.69
C GLY A 320 28.99 8.27 21.03
N VAL A 321 29.89 8.28 20.04
CA VAL A 321 31.30 8.08 20.34
C VAL A 321 31.91 9.33 20.96
N ALA A 322 31.21 10.46 20.91
CA ALA A 322 31.73 11.70 21.47
C ALA A 322 32.00 11.60 22.97
N ALA A 323 31.34 10.67 23.66
CA ALA A 323 31.59 10.46 25.08
C ALA A 323 32.93 9.79 25.34
N ASN A 324 33.60 9.27 24.30
CA ASN A 324 34.89 8.61 24.48
C ASN A 324 35.94 9.65 24.86
N THR A 325 36.36 9.62 26.13
CA THR A 325 37.33 10.59 26.60
C THR A 325 38.67 10.43 25.87
N CYS A 326 39.11 9.19 25.68
CA CYS A 326 40.39 8.96 25.01
C CYS A 326 40.38 9.50 23.59
N LEU A 327 39.29 9.29 22.85
CA LEU A 327 39.19 9.81 21.50
C LEU A 327 39.26 11.33 21.49
N ARG A 328 38.55 11.98 22.43
CA ARG A 328 38.58 13.43 22.51
C ARG A 328 39.98 13.94 22.79
N GLU A 329 40.67 13.32 23.76
CA GLU A 329 42.01 13.76 24.10
C GLU A 329 42.98 13.58 22.93
N SER A 330 42.90 12.43 22.26
CA SER A 330 43.78 12.19 21.12
C SER A 330 43.50 13.16 19.98
N LEU A 331 42.22 13.42 19.70
CA LEU A 331 41.89 14.38 18.65
C LEU A 331 42.39 15.76 19.00
N GLN A 332 42.19 16.21 20.24
CA GLN A 332 42.67 17.53 20.65
C GLN A 332 44.18 17.62 20.52
N ARG A 333 44.89 16.57 20.92
CA ARG A 333 46.35 16.60 20.83
C ARG A 333 46.83 16.57 19.38
N ALA A 334 46.07 15.94 18.48
CA ALA A 334 46.57 15.72 17.13
C ALA A 334 46.19 16.84 16.15
N ILE A 335 44.93 17.29 16.17
CA ILE A 335 44.47 18.22 15.14
C ILE A 335 45.21 19.55 15.25
N GLY A 336 45.42 20.04 16.46
CA GLY A 336 46.22 21.24 16.67
C GLY A 336 45.37 22.51 16.67
N SER A 337 45.54 23.33 15.63
CA SER A 337 44.92 24.66 15.61
C SER A 337 43.40 24.57 15.61
N VAL A 338 42.83 23.68 14.79
CA VAL A 338 41.39 23.54 14.74
C VAL A 338 40.89 22.97 16.05
N ASP A 339 39.79 23.55 16.56
CA ASP A 339 39.28 23.17 17.87
C ASP A 339 38.27 22.03 17.75
N LEU A 340 38.34 21.11 18.71
CA LEU A 340 37.41 19.99 18.78
C LEU A 340 36.11 20.46 19.41
N VAL A 341 34.99 20.04 18.82
CA VAL A 341 33.66 20.37 19.33
C VAL A 341 32.97 19.07 19.69
N CYS A 342 32.57 18.96 20.95
CA CYS A 342 31.90 17.76 21.46
C CYS A 342 30.57 18.14 22.09
N PRO A 343 29.44 17.74 21.51
CA PRO A 343 28.14 18.07 22.11
C PRO A 343 27.86 17.18 23.30
N PRO A 344 26.97 17.60 24.19
CA PRO A 344 26.55 16.71 25.27
C PRO A 344 25.89 15.47 24.73
N PRO A 345 26.01 14.35 25.42
CA PRO A 345 25.40 13.11 24.91
C PRO A 345 23.88 13.19 24.76
N ARG A 346 23.23 14.10 25.48
CA ARG A 346 21.79 14.28 25.34
C ARG A 346 21.39 14.72 23.95
N LEU A 347 22.30 15.33 23.19
CA LEU A 347 22.03 15.79 21.83
C LEU A 347 22.57 14.84 20.77
N CYS A 348 22.94 13.62 21.14
CA CYS A 348 23.51 12.67 20.21
C CYS A 348 22.62 11.46 19.93
N THR A 349 21.67 11.16 20.81
CA THR A 349 20.86 9.94 20.67
C THR A 349 19.57 10.20 19.89
N ASP A 350 19.70 10.81 18.71
CA ASP A 350 18.62 10.97 17.75
C ASP A 350 17.34 11.52 18.40
N ASN A 351 17.45 12.75 18.90
CA ASN A 351 16.36 13.42 19.58
C ASN A 351 15.96 14.68 18.81
N GLY A 352 14.81 15.23 19.17
CA GLY A 352 14.18 16.28 18.36
C GLY A 352 14.97 17.56 18.23
N VAL A 353 15.99 17.77 19.07
CA VAL A 353 16.72 19.03 19.05
C VAL A 353 17.42 19.23 17.71
N MET A 354 18.03 18.18 17.16
CA MET A 354 18.70 18.35 15.88
C MET A 354 17.73 18.72 14.77
N ILE A 355 16.55 18.09 14.74
CA ILE A 355 15.59 18.41 13.70
C ILE A 355 15.12 19.85 13.85
N ALA A 356 14.82 20.27 15.08
CA ALA A 356 14.40 21.64 15.31
C ALA A 356 15.47 22.63 14.86
N HIS A 357 16.74 22.36 15.21
CA HIS A 357 17.80 23.31 14.90
C HIS A 357 18.08 23.35 13.40
N ALA A 358 18.10 22.19 12.74
CA ALA A 358 18.33 22.16 11.30
C ALA A 358 17.20 22.85 10.54
N GLY A 359 15.95 22.59 10.93
CA GLY A 359 14.84 23.29 10.32
C GLY A 359 14.91 24.79 10.55
N ALA A 360 15.33 25.19 11.75
CA ALA A 360 15.48 26.61 12.04
C ALA A 360 16.52 27.26 11.13
N LEU A 361 17.67 26.61 10.98
CA LEU A 361 18.71 27.16 10.12
C LEU A 361 18.27 27.23 8.67
N HIS A 362 17.58 26.19 8.19
CA HIS A 362 17.10 26.21 6.81
C HIS A 362 16.06 27.30 6.61
N TYR A 363 15.16 27.49 7.57
CA TYR A 363 14.13 28.51 7.44
C TYR A 363 14.73 29.91 7.48
N LEU A 364 15.74 30.12 8.34
CA LEU A 364 16.39 31.43 8.40
C LEU A 364 17.20 31.71 7.14
N HIS A 365 17.88 30.69 6.61
CA HIS A 365 18.75 30.92 5.46
C HIS A 365 17.95 31.34 4.23
N ARG A 366 16.79 30.72 4.01
CA ARG A 366 15.95 31.02 2.86
C ARG A 366 14.52 31.30 3.33
N PRO A 367 14.29 32.47 3.94
CA PRO A 367 12.92 32.80 4.38
C PRO A 367 11.94 32.88 3.23
N ASP A 368 12.40 33.24 2.02
CA ASP A 368 11.52 33.24 0.86
C ASP A 368 10.99 31.83 0.58
N ALA A 369 11.85 30.84 0.68
CA ALA A 369 11.41 29.46 0.59
C ALA A 369 10.61 29.10 1.84
N PHE A 370 9.93 27.95 1.78
CA PHE A 370 9.12 27.45 2.88
C PHE A 370 8.03 28.45 3.25
N ALA A 371 7.49 29.15 2.26
CA ALA A 371 6.63 30.30 2.54
C ALA A 371 5.35 29.94 3.25
N CYS A 372 4.43 29.24 2.57
CA CYS A 372 3.15 28.90 3.18
C CYS A 372 2.63 27.51 2.86
N GLY A 373 3.15 26.81 1.86
CA GLY A 373 2.53 25.59 1.40
C GLY A 373 3.51 24.42 1.32
N PRO A 374 3.09 23.27 1.82
CA PRO A 374 3.93 22.07 1.72
C PRO A 374 3.71 21.32 0.42
N THR A 375 4.79 21.15 -0.35
CA THR A 375 4.79 20.34 -1.55
C THR A 375 6.17 19.72 -1.67
N HIS A 376 6.27 18.64 -2.43
CA HIS A 376 7.51 17.85 -2.49
C HIS A 376 7.88 17.33 -1.11
N VAL A 377 7.02 16.46 -0.60
CA VAL A 377 7.25 15.79 0.68
C VAL A 377 7.78 14.40 0.32
N CYS A 378 9.09 14.28 0.21
CA CYS A 378 9.75 13.04 -0.22
C CYS A 378 10.34 12.35 1.01
N LEU A 379 9.77 11.20 1.37
CA LEU A 379 10.19 10.45 2.55
C LEU A 379 11.21 9.41 2.10
N GLN A 380 12.48 9.80 2.14
CA GLN A 380 13.55 8.91 1.69
C GLN A 380 14.04 8.02 2.82
N HIS A 381 14.65 6.90 2.43
CA HIS A 381 15.25 5.97 3.37
C HIS A 381 16.77 5.98 3.35
N GLU A 382 17.37 6.51 2.27
CA GLU A 382 18.82 6.65 2.18
C GLU A 382 19.09 7.92 1.38
N TRP A 383 19.30 9.03 2.08
CA TRP A 383 19.37 10.34 1.45
C TRP A 383 20.80 10.81 1.21
N HIS A 384 21.77 10.33 1.99
CA HIS A 384 23.15 10.81 1.94
C HIS A 384 23.22 12.28 2.34
N LEU A 385 24.40 12.89 2.26
CA LEU A 385 24.58 14.26 2.74
C LEU A 385 25.42 15.06 1.75
N GLY A 386 25.13 14.92 0.45
CA GLY A 386 25.72 15.82 -0.53
C GLY A 386 26.76 15.22 -1.45
N VAL A 387 27.72 16.05 -1.85
CA VAL A 387 28.71 15.65 -2.85
C VAL A 387 29.64 14.60 -2.29
N ASP A 388 29.96 13.59 -3.11
CA ASP A 388 30.90 12.55 -2.75
C ASP A 388 32.22 12.77 -3.48
N VAL A 389 33.33 12.69 -2.74
CA VAL A 389 34.67 12.84 -3.28
C VAL A 389 35.53 11.60 -3.00
N SER A 390 35.49 11.11 -1.77
CA SER A 390 36.26 9.92 -1.37
C SER A 390 37.76 10.10 -1.55
N GLU A 391 38.49 8.99 -1.44
CA GLU A 391 39.95 9.05 -1.28
C GLU A 391 40.64 9.60 -2.51
N CYS A 392 40.30 9.10 -3.69
CA CYS A 392 41.02 9.51 -4.90
C CYS A 392 40.79 10.97 -5.22
N VAL A 393 39.54 11.42 -5.19
CA VAL A 393 39.23 12.81 -5.52
C VAL A 393 39.79 13.74 -4.45
N ARG A 394 39.78 13.31 -3.19
CA ARG A 394 40.45 14.10 -2.16
C ARG A 394 41.96 14.16 -2.40
N ALA A 395 42.54 13.09 -2.95
CA ALA A 395 43.98 13.04 -3.13
C ALA A 395 44.43 13.94 -4.28
N ASP A 396 43.74 13.88 -5.43
CA ASP A 396 44.19 14.67 -6.57
C ASP A 396 44.09 16.17 -6.29
N ARG A 397 43.04 16.58 -5.55
CA ARG A 397 42.78 17.86 -4.87
C ARG A 397 41.64 18.66 -5.49
N PRO A 398 41.73 19.10 -6.76
CA PRO A 398 40.76 20.12 -7.23
C PRO A 398 39.31 19.68 -7.18
N VAL A 399 39.04 18.38 -7.24
CA VAL A 399 37.67 17.85 -7.27
C VAL A 399 36.95 18.46 -8.46
N PRO A 400 37.34 18.11 -9.71
CA PRO A 400 36.80 18.78 -10.91
C PRO A 400 36.85 20.30 -10.82
N GLN A 401 36.02 20.97 -11.60
CA GLN A 401 35.98 22.42 -11.61
C GLN A 401 34.75 22.89 -12.38
N VAL A 402 34.09 23.91 -11.84
CA VAL A 402 32.95 24.55 -12.48
C VAL A 402 33.34 26.01 -12.71
N ALA A 403 33.49 26.39 -13.96
CA ALA A 403 33.93 27.74 -14.29
C ALA A 403 32.85 28.77 -13.90
N ALA A 404 33.30 29.98 -13.60
CA ALA A 404 32.37 31.06 -13.27
C ALA A 404 31.45 31.38 -14.44
N ILE A 405 31.88 31.08 -15.66
CA ILE A 405 31.00 31.23 -16.82
C ILE A 405 29.81 30.30 -16.69
N HIS A 406 30.03 29.08 -16.21
CA HIS A 406 28.96 28.12 -15.99
C HIS A 406 28.31 28.35 -14.62
N ALA A 407 27.71 29.54 -14.47
CA ALA A 407 26.97 29.90 -13.28
C ALA A 407 25.53 29.41 -13.30
N SER A 408 25.24 28.40 -14.12
CA SER A 408 23.89 27.86 -14.23
C SER A 408 23.44 27.25 -12.90
N ILE A 409 22.35 27.78 -12.35
CA ILE A 409 21.82 27.32 -11.08
C ILE A 409 20.94 26.11 -11.39
N LYS A 410 21.56 24.94 -11.42
CA LYS A 410 20.83 23.71 -11.69
C LYS A 410 19.87 23.39 -10.55
N SER A 411 18.78 22.71 -10.89
CA SER A 411 17.73 22.33 -9.93
C SER A 411 17.19 23.62 -9.30
N ASP A 412 16.80 23.55 -8.03
CA ASP A 412 16.21 24.68 -7.32
C ASP A 412 15.01 25.24 -8.07
N VAL A 413 14.05 24.35 -8.36
CA VAL A 413 12.88 24.72 -9.13
C VAL A 413 12.07 25.80 -8.40
N ALA A 414 12.00 25.71 -7.08
CA ALA A 414 11.29 26.72 -6.31
C ALA A 414 11.92 28.09 -6.48
N ASP A 415 13.25 28.16 -6.46
CA ASP A 415 13.92 29.44 -6.63
C ASP A 415 13.61 30.04 -8.00
N ALA A 416 13.62 29.21 -9.04
CA ALA A 416 13.27 29.70 -10.38
C ALA A 416 11.82 30.14 -10.43
N ALA A 417 10.93 29.44 -9.72
CA ALA A 417 9.53 29.82 -9.70
C ALA A 417 9.33 31.19 -9.06
N ARG A 418 9.98 31.43 -7.92
CA ARG A 418 9.90 32.75 -7.30
C ARG A 418 10.56 33.81 -8.17
N ALA A 419 11.63 33.46 -8.88
CA ALA A 419 12.24 34.41 -9.80
C ALA A 419 11.27 34.80 -10.90
N LEU A 420 10.53 33.82 -11.44
CA LEU A 420 9.51 34.13 -12.44
C LEU A 420 8.39 34.97 -11.85
N CYS A 421 8.01 34.69 -10.60
CA CYS A 421 6.99 35.48 -9.94
C CYS A 421 7.41 36.94 -9.80
N ARG A 422 8.68 37.16 -9.42
CA ARG A 422 9.21 38.52 -9.36
C ARG A 422 9.57 39.08 -10.72
N GLY A 423 9.47 38.29 -11.78
CA GLY A 423 9.77 38.74 -13.12
C GLY A 423 11.20 38.51 -13.58
N GLU A 424 12.04 37.91 -12.73
CA GLU A 424 13.41 37.62 -13.13
C GLU A 424 13.43 36.59 -14.25
N LEU A 425 14.31 36.82 -15.23
CA LEU A 425 14.43 35.90 -16.36
C LEU A 425 14.99 34.57 -15.90
N VAL A 426 14.38 33.47 -16.38
CA VAL A 426 14.82 32.12 -16.09
C VAL A 426 14.92 31.36 -17.40
N ALA A 427 16.06 30.69 -17.61
CA ALA A 427 16.27 29.86 -18.79
C ALA A 427 16.12 28.41 -18.39
N PHE A 428 15.20 27.70 -19.04
CA PHE A 428 14.90 26.32 -18.72
C PHE A 428 14.85 25.50 -19.99
N PRO A 429 15.17 24.21 -19.92
CA PRO A 429 15.13 23.36 -21.12
C PRO A 429 13.74 22.79 -21.37
N THR A 430 13.46 22.57 -22.65
CA THR A 430 12.22 21.94 -23.10
C THR A 430 12.57 20.89 -24.15
N GLU A 431 11.55 20.21 -24.64
CA GLU A 431 11.77 19.27 -25.74
C GLU A 431 12.28 19.99 -26.98
N THR A 432 11.71 21.15 -27.27
CA THR A 432 12.14 21.98 -28.39
C THR A 432 13.39 22.75 -28.00
N VAL A 433 13.70 23.79 -28.76
CA VAL A 433 14.84 24.68 -28.53
C VAL A 433 14.87 25.11 -27.07
N TYR A 434 16.07 25.26 -26.50
CA TYR A 434 16.25 25.58 -25.09
C TYR A 434 15.53 26.88 -24.74
N GLY A 435 14.51 26.79 -23.89
CA GLY A 435 13.68 27.94 -23.60
C GLY A 435 14.39 28.98 -22.75
N LEU A 436 13.90 30.21 -22.84
CA LEU A 436 14.42 31.33 -22.06
C LEU A 436 13.32 32.36 -21.96
N GLY A 437 12.66 32.43 -20.80
CA GLY A 437 11.53 33.33 -20.69
C GLY A 437 11.17 33.64 -19.25
N ALA A 438 10.17 34.50 -19.10
CA ALA A 438 9.71 34.96 -17.79
C ALA A 438 8.20 34.94 -17.79
N ASP A 439 7.61 35.53 -16.75
CA ASP A 439 6.16 35.52 -16.59
C ASP A 439 5.49 36.28 -17.74
N ALA A 440 4.42 35.69 -18.27
CA ALA A 440 3.72 36.31 -19.40
C ALA A 440 3.07 37.63 -19.00
N ALA A 441 2.47 37.68 -17.82
CA ALA A 441 1.71 38.86 -17.40
C ALA A 441 2.63 39.94 -16.84
N SER A 442 3.64 40.30 -17.65
CA SER A 442 4.58 41.34 -17.28
C SER A 442 5.24 41.86 -18.56
N ASP A 443 4.87 43.08 -18.96
CA ASP A 443 5.50 43.69 -20.13
C ASP A 443 6.99 43.94 -19.88
N GLU A 444 7.33 44.37 -18.66
CA GLU A 444 8.72 44.64 -18.35
C GLU A 444 9.58 43.39 -18.49
N ALA A 445 9.07 42.25 -18.03
CA ALA A 445 9.85 41.01 -18.10
C ALA A 445 10.10 40.58 -19.54
N VAL A 446 9.08 40.65 -20.39
CA VAL A 446 9.27 40.22 -21.78
C VAL A 446 10.17 41.20 -22.52
N GLN A 447 10.06 42.50 -22.23
CA GLN A 447 10.98 43.45 -22.83
C GLN A 447 12.41 43.20 -22.35
N ARG A 448 12.57 42.80 -21.08
CA ARG A 448 13.88 42.43 -20.57
C ARG A 448 14.43 41.21 -21.29
N ILE A 449 13.56 40.24 -21.59
CA ILE A 449 13.98 39.07 -22.37
C ILE A 449 14.48 39.52 -23.74
N PHE A 450 13.71 40.40 -24.40
CA PHE A 450 14.07 40.86 -25.73
C PHE A 450 15.41 41.59 -25.72
N ASP A 451 15.64 42.43 -24.71
CA ASP A 451 16.91 43.13 -24.60
C ASP A 451 18.04 42.15 -24.27
N ALA A 452 17.74 41.11 -23.50
CA ALA A 452 18.75 40.11 -23.18
C ALA A 452 19.22 39.37 -24.42
N LYS A 453 18.30 39.04 -25.32
CA LYS A 453 18.68 38.40 -26.57
C LYS A 453 18.92 39.40 -27.69
N GLY A 454 18.76 40.70 -27.43
CA GLY A 454 19.04 41.74 -28.40
C GLY A 454 17.83 42.26 -29.14
N ARG A 455 16.73 41.52 -29.15
CA ARG A 455 15.48 41.90 -29.81
C ARG A 455 15.68 42.22 -31.30
N PRO A 456 15.98 41.22 -32.13
CA PRO A 456 15.92 41.47 -33.58
C PRO A 456 14.54 41.85 -34.05
N SER A 457 13.51 41.30 -33.42
CA SER A 457 12.11 41.62 -33.69
C SER A 457 11.29 41.08 -32.53
N ASN A 458 9.96 41.17 -32.65
CA ASN A 458 9.11 40.65 -31.60
C ASN A 458 8.65 39.22 -31.90
N ASN A 459 8.14 38.97 -33.12
CA ASN A 459 7.73 37.66 -33.61
C ASN A 459 6.58 37.07 -32.79
N PRO A 460 5.89 36.05 -33.28
CA PRO A 460 4.99 35.30 -32.42
C PRO A 460 5.78 34.54 -31.37
N ILE A 461 5.35 34.67 -30.11
CA ILE A 461 6.09 34.13 -28.98
C ILE A 461 5.18 33.15 -28.24
N ILE A 462 5.56 31.88 -28.23
CA ILE A 462 4.75 30.84 -27.61
C ILE A 462 4.84 30.96 -26.10
N VAL A 463 3.70 30.85 -25.43
CA VAL A 463 3.63 30.89 -23.97
C VAL A 463 3.46 29.48 -23.46
N HIS A 464 4.37 29.05 -22.59
CA HIS A 464 4.33 27.70 -22.03
C HIS A 464 3.43 27.68 -20.81
N VAL A 465 2.47 26.77 -20.81
CA VAL A 465 1.51 26.62 -19.72
C VAL A 465 1.35 25.13 -19.44
N ALA A 466 1.34 24.77 -18.15
CA ALA A 466 1.24 23.36 -17.75
C ALA A 466 0.16 23.17 -16.69
N SER A 467 -1.10 23.08 -17.14
CA SER A 467 -2.23 22.58 -16.36
C SER A 467 -3.50 22.66 -17.18
N LYS A 468 -4.61 22.14 -16.65
CA LYS A 468 -5.90 22.44 -17.25
C LYS A 468 -6.43 23.79 -16.78
N GLU A 469 -6.30 24.09 -15.48
CA GLU A 469 -6.86 25.31 -14.94
C GLU A 469 -6.20 26.56 -15.51
N GLN A 470 -4.87 26.54 -15.62
CA GLN A 470 -4.16 27.72 -16.12
C GLN A 470 -4.54 28.01 -17.57
N PHE A 471 -4.64 26.97 -18.41
CA PHE A 471 -5.02 27.18 -19.80
C PHE A 471 -6.40 27.81 -19.91
N TYR A 472 -7.37 27.29 -19.16
CA TYR A 472 -8.71 27.85 -19.16
C TYR A 472 -8.69 29.30 -18.71
N ARG A 473 -7.99 29.57 -17.61
CA ARG A 473 -7.95 30.91 -17.05
C ARG A 473 -7.31 31.90 -18.00
N ILE A 474 -6.25 31.49 -18.69
CA ILE A 474 -5.50 32.44 -19.51
C ILE A 474 -6.14 32.60 -20.89
N ALA A 475 -6.86 31.59 -21.38
CA ALA A 475 -7.40 31.71 -22.73
C ALA A 475 -8.70 32.52 -22.76
N GLY A 476 -9.75 31.99 -22.12
CA GLY A 476 -11.03 32.67 -22.16
C GLY A 476 -11.89 32.47 -20.93
N HIS A 477 -11.33 31.84 -19.90
CA HIS A 477 -12.08 31.47 -18.69
C HIS A 477 -13.24 30.54 -19.03
N ASP A 478 -14.01 30.15 -18.01
CA ASP A 478 -15.27 29.41 -18.07
C ASP A 478 -15.35 28.43 -19.23
N LEU A 479 -14.30 27.62 -19.39
CA LEU A 479 -14.23 26.59 -20.44
C LEU A 479 -14.39 27.19 -21.83
N ASP A 480 -13.90 28.42 -22.00
CA ASP A 480 -13.97 29.12 -23.28
C ASP A 480 -15.40 29.17 -23.81
N ALA A 481 -15.73 28.24 -24.70
CA ALA A 481 -17.07 28.14 -25.27
C ALA A 481 -17.42 26.66 -25.37
N ALA A 482 -18.49 26.36 -26.10
CA ALA A 482 -18.90 24.97 -26.28
C ALA A 482 -17.92 24.18 -27.14
N LEU A 483 -17.04 24.86 -27.86
CA LEU A 483 -16.07 24.19 -28.72
C LEU A 483 -14.88 23.63 -27.94
N ARG A 484 -14.81 23.85 -26.63
CA ARG A 484 -13.70 23.38 -25.82
C ARG A 484 -13.62 21.87 -25.72
N ALA A 485 -14.67 21.15 -26.12
CA ALA A 485 -14.63 19.69 -26.07
C ALA A 485 -13.50 19.13 -26.94
N ARG A 486 -13.13 19.82 -28.01
CA ARG A 486 -12.02 19.37 -28.84
C ARG A 486 -10.68 19.66 -28.18
N CYS A 487 -10.53 20.81 -27.54
CA CYS A 487 -9.25 21.14 -26.93
C CYS A 487 -8.99 20.30 -25.70
N GLU A 488 -10.03 19.90 -24.96
CA GLU A 488 -9.82 18.96 -23.86
C GLU A 488 -9.34 17.61 -24.37
N ARG A 489 -9.90 17.15 -25.49
CA ARG A 489 -9.43 15.90 -26.09
C ARG A 489 -7.97 16.04 -26.54
N LEU A 490 -7.63 17.19 -27.11
CA LEU A 490 -6.24 17.43 -27.51
C LEU A 490 -5.32 17.41 -26.29
N MET A 491 -5.77 17.97 -25.17
CA MET A 491 -5.02 17.89 -23.92
C MET A 491 -4.78 16.45 -23.53
N ASP A 492 -5.86 15.66 -23.46
CA ASP A 492 -5.76 14.29 -23.01
C ASP A 492 -5.03 13.38 -23.99
N GLU A 493 -4.82 13.84 -25.23
CA GLU A 493 -4.15 13.01 -26.23
C GLU A 493 -2.69 13.40 -26.47
N PHE A 494 -2.40 14.65 -26.79
CA PHE A 494 -1.07 14.99 -27.29
C PHE A 494 -0.46 16.24 -26.67
N TRP A 495 -1.19 16.96 -25.80
CA TRP A 495 -0.74 18.31 -25.44
C TRP A 495 0.59 18.32 -24.70
N PRO A 496 0.85 17.41 -23.74
CA PRO A 496 2.23 17.28 -23.27
C PRO A 496 3.14 16.78 -24.37
N GLY A 497 4.04 17.63 -24.83
CA GLY A 497 4.86 17.33 -25.98
C GLY A 497 4.87 18.47 -26.97
N PRO A 498 5.21 18.18 -28.22
CA PRO A 498 5.33 19.23 -29.24
C PRO A 498 4.00 19.52 -29.95
N LEU A 499 2.98 19.88 -29.17
CA LEU A 499 1.68 20.27 -29.70
C LEU A 499 1.39 21.71 -29.30
N THR A 500 1.19 22.57 -30.28
CA THR A 500 1.05 24.01 -30.09
C THR A 500 -0.39 24.41 -30.40
N LEU A 501 -1.23 24.45 -29.38
CA LEU A 501 -2.64 24.82 -29.53
C LEU A 501 -2.75 26.33 -29.71
N LEU A 502 -2.96 26.76 -30.95
CA LEU A 502 -3.12 28.19 -31.25
C LEU A 502 -4.56 28.61 -30.90
N VAL A 503 -4.81 28.66 -29.60
CA VAL A 503 -6.15 29.04 -29.11
C VAL A 503 -6.41 30.50 -29.44
N PRO A 504 -7.64 30.88 -29.82
CA PRO A 504 -7.90 32.27 -30.20
C PRO A 504 -8.02 33.22 -29.02
N ASN A 505 -7.57 32.78 -27.84
CA ASN A 505 -7.60 33.58 -26.63
C ASN A 505 -9.04 33.87 -26.19
N GLY A 506 -9.29 35.08 -25.72
CA GLY A 506 -10.59 35.43 -25.19
C GLY A 506 -10.55 36.38 -24.02
N GLY A 507 -9.35 36.68 -23.53
CA GLY A 507 -9.23 37.64 -22.45
C GLY A 507 -8.10 37.37 -21.46
N GLU A 508 -8.46 37.29 -20.18
CA GLU A 508 -7.51 37.16 -19.08
C GLU A 508 -6.53 38.32 -19.06
N LYS A 509 -5.25 38.03 -19.27
CA LYS A 509 -4.23 39.08 -19.29
C LYS A 509 -3.00 38.61 -20.04
N LEU A 510 -2.76 39.18 -21.22
CA LEU A 510 -1.60 38.82 -22.03
C LEU A 510 -0.87 40.08 -22.45
N SER A 511 0.45 39.99 -22.48
CA SER A 511 1.25 41.11 -22.93
C SER A 511 1.00 41.39 -24.41
N PRO A 512 0.92 42.66 -24.82
CA PRO A 512 0.78 42.94 -26.25
C PRO A 512 1.94 42.44 -27.09
N LEU A 513 3.14 42.39 -26.50
CA LEU A 513 4.33 42.00 -27.24
C LEU A 513 4.32 40.51 -27.56
N VAL A 514 3.83 39.68 -26.63
CA VAL A 514 3.92 38.23 -26.80
C VAL A 514 2.95 37.75 -27.87
N THR A 515 1.82 38.44 -28.05
CA THR A 515 0.81 37.96 -28.99
C THR A 515 1.19 38.26 -30.43
N CYS A 516 1.39 39.53 -30.76
CA CYS A 516 1.61 39.98 -32.14
C CYS A 516 0.47 39.55 -33.05
N GLY A 517 -0.75 39.65 -32.53
CA GLY A 517 -1.92 39.28 -33.30
C GLY A 517 -3.14 39.27 -32.40
N LEU A 518 -4.29 39.00 -33.03
CA LEU A 518 -5.53 38.92 -32.28
C LEU A 518 -5.65 37.59 -31.55
N PRO A 519 -5.41 36.43 -32.20
CA PRO A 519 -5.36 35.18 -31.43
C PRO A 519 -4.04 35.08 -30.68
N VAL A 520 -4.12 34.63 -29.42
CA VAL A 520 -2.92 34.45 -28.64
C VAL A 520 -2.11 33.30 -29.22
N VAL A 521 -0.79 33.35 -29.03
CA VAL A 521 0.13 32.39 -29.62
C VAL A 521 -0.11 31.05 -28.92
N GLY A 522 0.48 29.98 -29.43
CA GLY A 522 0.07 28.63 -29.13
C GLY A 522 0.48 28.08 -27.79
N LEU A 523 -0.28 28.44 -26.75
CA LEU A 523 -0.14 27.90 -25.40
C LEU A 523 0.18 26.41 -25.45
N ARG A 524 1.27 26.02 -24.81
CA ARG A 524 1.82 24.68 -24.98
C ARG A 524 2.33 24.12 -23.66
N MET A 525 2.10 22.82 -23.46
CA MET A 525 2.81 22.04 -22.45
C MET A 525 4.16 21.63 -22.99
N PRO A 526 5.26 21.94 -22.33
CA PRO A 526 6.56 21.41 -22.73
C PRO A 526 6.67 19.95 -22.28
N ASP A 527 7.81 19.32 -22.62
CA ASP A 527 8.05 17.93 -22.28
C ASP A 527 9.12 17.72 -21.22
N ASN A 528 10.13 18.58 -21.17
CA ASN A 528 11.18 18.44 -20.18
C ASN A 528 10.61 18.66 -18.79
N ALA A 529 10.68 17.62 -17.95
CA ALA A 529 9.96 17.62 -16.67
C ALA A 529 10.34 18.82 -15.80
N THR A 530 11.57 19.32 -15.93
CA THR A 530 11.95 20.52 -15.21
C THR A 530 11.08 21.71 -15.63
N ALA A 531 10.82 21.83 -16.94
CA ALA A 531 9.97 22.91 -17.42
C ALA A 531 8.55 22.78 -16.88
N ILE A 532 7.99 21.56 -16.88
CA ILE A 532 6.64 21.37 -16.35
C ILE A 532 6.59 21.73 -14.88
N ASP A 533 7.59 21.29 -14.10
CA ASP A 533 7.61 21.63 -12.68
C ASP A 533 7.70 23.14 -12.48
N LEU A 534 8.57 23.80 -13.23
CA LEU A 534 8.74 25.25 -13.08
C LEU A 534 7.46 25.99 -13.43
N ILE A 535 6.80 25.59 -14.51
CA ILE A 535 5.57 26.27 -14.92
C ILE A 535 4.45 25.99 -13.91
N ARG A 536 4.37 24.77 -13.39
CA ARG A 536 3.36 24.46 -12.39
C ARG A 536 3.56 25.32 -11.15
N ARG A 537 4.81 25.48 -10.71
CA ARG A 537 5.09 26.36 -9.59
C ARG A 537 5.04 27.83 -9.97
N ALA A 538 4.94 28.15 -11.26
CA ALA A 538 4.88 29.53 -11.71
C ALA A 538 3.45 30.04 -11.61
N GLY A 539 3.19 31.22 -12.19
CA GLY A 539 1.88 31.83 -12.11
C GLY A 539 0.96 31.49 -13.26
N VAL A 540 0.56 32.51 -14.03
CA VAL A 540 -0.38 32.30 -15.11
C VAL A 540 0.26 31.49 -16.24
N GLY A 541 1.55 31.73 -16.50
CA GLY A 541 2.23 31.03 -17.58
C GLY A 541 3.60 31.62 -17.77
N VAL A 542 4.36 30.97 -18.64
CA VAL A 542 5.75 31.35 -18.92
C VAL A 542 5.89 31.59 -20.41
N ALA A 543 6.24 32.81 -20.79
CA ALA A 543 6.46 33.18 -22.19
C ALA A 543 7.95 33.05 -22.48
N ALA A 544 8.35 31.92 -23.05
CA ALA A 544 9.76 31.62 -23.31
C ALA A 544 9.97 31.38 -24.79
N PRO A 545 10.32 32.42 -25.55
CA PRO A 545 10.55 32.23 -26.99
C PRO A 545 11.67 31.26 -27.31
N SER A 546 12.89 31.59 -26.88
CA SER A 546 14.08 30.80 -27.17
C SER A 546 15.26 31.48 -26.46
N ALA A 547 16.41 30.82 -26.53
CA ALA A 547 17.67 31.36 -26.05
C ALA A 547 18.62 31.45 -27.25
N ASN A 548 18.51 32.54 -28.00
CA ASN A 548 19.18 32.69 -29.28
C ASN A 548 19.78 34.08 -29.43
N LYS A 549 20.46 34.57 -28.38
CA LYS A 549 21.03 35.91 -28.42
C LYS A 549 22.04 36.09 -29.56
N SER A 550 22.77 35.04 -29.91
CA SER A 550 23.74 35.15 -31.00
C SER A 550 23.04 35.02 -32.35
N GLY A 551 23.80 35.30 -33.42
CA GLY A 551 23.26 35.19 -34.76
C GLY A 551 22.90 33.77 -35.13
N ARG A 552 23.72 32.80 -34.75
CA ARG A 552 23.44 31.38 -34.94
C ARG A 552 23.13 30.77 -33.57
N PRO A 553 21.86 30.49 -33.27
CA PRO A 553 21.49 30.09 -31.89
C PRO A 553 22.31 28.96 -31.31
N SER A 554 22.26 27.79 -31.94
CA SER A 554 22.90 26.56 -31.50
C SER A 554 22.90 26.39 -29.97
N PRO A 555 21.75 26.54 -29.29
CA PRO A 555 21.77 26.48 -27.82
C PRO A 555 22.14 25.11 -27.28
N THR A 556 21.40 24.08 -27.70
CA THR A 556 21.67 22.70 -27.33
C THR A 556 21.72 22.51 -25.82
N CYS A 557 22.93 22.35 -25.28
CA CYS A 557 23.10 22.05 -23.87
C CYS A 557 23.06 23.32 -23.02
N ALA A 558 22.91 23.12 -21.71
CA ALA A 558 22.89 24.25 -20.78
C ALA A 558 24.23 24.95 -20.72
N GLN A 559 25.32 24.22 -20.95
CA GLN A 559 26.64 24.83 -20.92
C GLN A 559 26.79 25.88 -22.02
N HIS A 560 26.30 25.56 -23.23
CA HIS A 560 26.44 26.48 -24.35
C HIS A 560 25.61 27.74 -24.13
N VAL A 561 24.39 27.59 -23.62
CA VAL A 561 23.56 28.78 -23.37
C VAL A 561 24.13 29.59 -22.22
N ALA A 562 24.73 28.94 -21.22
CA ALA A 562 25.40 29.66 -20.16
C ALA A 562 26.58 30.45 -20.70
N ALA A 563 27.34 29.86 -21.64
CA ALA A 563 28.43 30.58 -22.27
C ALA A 563 27.92 31.76 -23.09
N ASP A 564 26.78 31.59 -23.76
CA ASP A 564 26.22 32.67 -24.56
C ASP A 564 25.69 33.81 -23.68
N LEU A 565 25.39 33.53 -22.41
CA LEU A 565 24.87 34.51 -21.47
C LEU A 565 25.75 34.64 -20.23
N VAL A 566 27.07 34.72 -20.44
CA VAL A 566 27.98 34.86 -19.31
C VAL A 566 27.72 36.16 -18.56
N GLY A 567 27.55 37.25 -19.30
CA GLY A 567 27.22 38.52 -18.67
C GLY A 567 25.77 38.89 -18.89
N GLU A 568 24.94 38.70 -17.87
CA GLU A 568 23.51 38.97 -17.95
C GLU A 568 22.99 39.18 -16.54
N ARG A 569 21.79 39.74 -16.45
CA ARG A 569 21.06 39.84 -15.19
C ARG A 569 19.88 38.89 -15.30
N ILE A 570 20.13 37.62 -14.98
CA ILE A 570 19.13 36.57 -15.04
C ILE A 570 19.23 35.75 -13.77
N TRP A 571 18.16 35.03 -13.45
CA TRP A 571 18.17 34.18 -12.27
C TRP A 571 19.18 33.04 -12.42
N GLY A 572 19.17 32.40 -13.58
CA GLY A 572 20.10 31.31 -13.81
C GLY A 572 19.59 30.42 -14.94
N VAL A 573 20.30 29.31 -15.13
CA VAL A 573 19.98 28.34 -16.17
C VAL A 573 19.83 26.97 -15.52
N LEU A 574 18.70 26.32 -15.77
CA LEU A 574 18.50 24.97 -15.25
C LEU A 574 19.30 23.97 -16.08
N ASP A 575 19.55 22.80 -15.49
CA ASP A 575 20.33 21.79 -16.16
C ASP A 575 19.57 21.20 -17.34
N GLY A 576 20.30 20.95 -18.43
CA GLY A 576 19.71 20.40 -19.64
C GLY A 576 19.52 18.90 -19.57
N ARG A 577 18.30 18.43 -19.86
CA ARG A 577 17.95 17.02 -19.77
C ARG A 577 17.71 16.38 -21.14
N GLY A 578 18.27 16.94 -22.21
CA GLY A 578 18.08 16.35 -23.51
C GLY A 578 17.34 17.22 -24.51
N SER A 579 17.50 18.53 -24.38
CA SER A 579 16.85 19.49 -25.28
C SER A 579 17.41 19.47 -26.70
N THR A 580 18.31 18.54 -27.02
CA THR A 580 18.92 18.50 -28.35
C THR A 580 17.92 18.19 -29.45
N TYR A 581 16.74 17.65 -29.10
CA TYR A 581 15.74 17.32 -30.10
C TYR A 581 14.96 18.58 -30.50
N GLY A 582 15.66 19.54 -31.08
CA GLY A 582 15.06 20.81 -31.45
C GLY A 582 14.48 20.82 -32.85
N ILE A 583 13.36 20.11 -33.04
CA ILE A 583 12.70 20.05 -34.34
C ILE A 583 11.38 20.82 -34.32
N GLU A 584 11.17 21.66 -33.31
CA GLU A 584 9.98 22.50 -33.16
C GLU A 584 8.72 21.66 -32.99
N SER A 585 7.56 22.32 -32.96
CA SER A 585 6.28 21.68 -32.70
C SER A 585 5.32 21.95 -33.86
N THR A 586 4.06 21.56 -33.66
CA THR A 586 3.02 21.72 -34.66
C THR A 586 1.94 22.66 -34.13
N VAL A 587 1.60 23.67 -34.94
CA VAL A 587 0.56 24.62 -34.58
C VAL A 587 -0.79 24.05 -35.01
N LEU A 588 -1.75 24.05 -34.09
CA LEU A 588 -2.98 23.29 -34.23
C LEU A 588 -4.18 24.16 -33.85
N ASP A 589 -4.32 25.32 -34.50
CA ASP A 589 -5.39 26.27 -34.23
C ASP A 589 -6.70 25.54 -33.98
N VAL A 590 -7.29 25.79 -32.80
CA VAL A 590 -8.35 24.92 -32.30
C VAL A 590 -9.64 25.09 -33.09
N ALA A 591 -10.06 26.33 -33.32
CA ALA A 591 -11.37 26.59 -33.89
C ALA A 591 -11.51 26.01 -35.30
N THR A 592 -10.78 26.56 -36.25
CA THR A 592 -10.84 26.09 -37.64
C THR A 592 -9.74 25.08 -37.92
N VAL A 593 -9.66 24.07 -37.04
CA VAL A 593 -8.71 22.96 -37.03
C VAL A 593 -7.63 23.05 -38.11
N SER A 594 -6.94 24.18 -38.18
CA SER A 594 -5.95 24.44 -39.22
C SER A 594 -4.55 24.12 -38.70
N ILE A 595 -3.80 23.34 -39.46
CA ILE A 595 -2.45 22.93 -39.11
C ILE A 595 -1.48 23.87 -39.81
N TYR A 596 -0.85 24.76 -39.03
CA TYR A 596 0.24 25.59 -39.52
C TYR A 596 1.52 24.76 -39.50
N ARG A 597 2.67 25.42 -39.56
CA ARG A 597 3.98 24.76 -39.52
C ARG A 597 3.99 23.62 -38.52
N GLU A 598 4.30 22.42 -39.00
CA GLU A 598 4.12 21.18 -38.25
C GLU A 598 5.44 20.65 -37.75
N GLY A 599 5.36 19.73 -36.80
CA GLY A 599 6.53 19.12 -36.22
C GLY A 599 6.42 17.61 -36.10
N PRO A 600 6.65 17.08 -34.90
CA PRO A 600 6.71 15.61 -34.76
C PRO A 600 5.35 14.94 -34.76
N VAL A 601 4.32 15.60 -34.23
CA VAL A 601 3.05 14.91 -33.97
C VAL A 601 2.38 14.49 -35.28
N THR A 602 2.44 15.34 -36.30
CA THR A 602 1.91 15.08 -37.64
C THR A 602 0.38 15.02 -37.63
N ALA A 603 -0.27 15.49 -38.69
CA ALA A 603 -1.72 15.59 -38.73
C ALA A 603 -2.41 14.23 -38.79
N ASP A 604 -1.69 13.16 -39.09
CA ASP A 604 -2.33 11.85 -39.25
C ASP A 604 -3.00 11.41 -37.97
N ASP A 605 -2.31 11.58 -36.84
CA ASP A 605 -2.89 11.19 -35.56
C ASP A 605 -3.73 12.30 -34.94
N ILE A 606 -3.54 13.54 -35.37
CA ILE A 606 -4.49 14.60 -35.06
C ILE A 606 -5.83 14.32 -35.73
N SER A 607 -5.84 13.50 -36.77
CA SER A 607 -7.06 13.15 -37.49
C SER A 607 -7.66 11.85 -36.96
N ARG A 608 -7.55 11.63 -35.65
CA ARG A 608 -8.08 10.42 -35.03
C ARG A 608 -9.56 10.23 -35.33
N ALA A 609 -10.31 11.32 -35.49
CA ALA A 609 -11.72 11.29 -35.84
C ALA A 609 -11.98 12.17 -37.05
N LEU A 610 -11.06 12.15 -38.00
CA LEU A 610 -11.14 12.92 -39.23
C LEU A 610 -11.27 14.41 -38.95
N ASP A 611 -12.45 14.97 -39.21
CA ASP A 611 -12.73 16.39 -39.01
C ASP A 611 -11.82 17.27 -39.87
N GLY A 612 -11.18 16.69 -40.88
CA GLY A 612 -10.33 17.44 -41.78
C GLY A 612 -8.98 17.80 -41.19
N ALA A 613 -7.95 17.80 -42.03
CA ALA A 613 -6.60 18.19 -41.60
C ALA A 613 -6.04 19.21 -42.59
N PRO A 614 -6.54 20.45 -42.55
CA PRO A 614 -6.03 21.48 -43.48
C PRO A 614 -4.61 21.87 -43.14
N VAL A 615 -3.76 21.91 -44.16
CA VAL A 615 -2.36 22.29 -44.03
C VAL A 615 -2.15 23.57 -44.84
N ASP A 616 -1.61 24.59 -44.19
CA ASP A 616 -1.38 25.88 -44.86
C ASP A 616 0.11 26.16 -44.95
N ARG A 638 11.37 11.58 -30.82
CA ARG A 638 11.03 10.70 -29.70
C ARG A 638 10.05 11.37 -28.75
N HIS A 639 10.18 11.06 -27.47
CA HIS A 639 9.30 11.63 -26.45
C HIS A 639 10.04 11.57 -25.11
N TYR A 640 9.34 11.91 -24.04
CA TYR A 640 9.93 11.86 -22.71
C TYR A 640 10.20 10.41 -22.30
N ALA A 641 11.24 10.23 -21.50
CA ALA A 641 11.62 8.89 -21.04
C ALA A 641 12.30 8.96 -19.68
N PRO A 642 11.60 8.59 -18.60
CA PRO A 642 12.25 8.54 -17.29
C PRO A 642 13.37 7.51 -17.27
N ASP A 643 14.44 7.85 -16.56
CA ASP A 643 15.55 6.90 -16.41
C ASP A 643 15.14 5.73 -15.53
N THR A 644 14.41 6.00 -14.45
CA THR A 644 13.94 4.94 -13.56
C THR A 644 12.77 4.20 -14.19
N ASP A 645 12.69 2.90 -13.90
CA ASP A 645 11.64 2.05 -14.46
C ASP A 645 10.32 2.39 -13.79
N VAL A 646 9.55 3.28 -14.42
CA VAL A 646 8.26 3.68 -13.87
C VAL A 646 7.23 2.60 -14.18
N THR A 647 6.45 2.23 -13.15
CA THR A 647 5.42 1.21 -13.30
C THR A 647 4.12 1.77 -12.76
N VAL A 648 3.06 1.69 -13.54
CA VAL A 648 1.75 2.19 -13.13
C VAL A 648 0.95 1.03 -12.54
N VAL A 649 0.48 1.20 -11.31
CA VAL A 649 -0.28 0.18 -10.61
C VAL A 649 -1.76 0.53 -10.69
N HIS A 650 -2.54 -0.31 -11.35
CA HIS A 650 -3.97 -0.11 -11.51
C HIS A 650 -4.71 -0.98 -10.50
N GLY A 651 -5.54 -0.35 -9.69
CA GLY A 651 -6.27 -1.06 -8.67
C GLY A 651 -6.52 -0.16 -7.47
N THR A 652 -6.58 -0.79 -6.31
CA THR A 652 -6.82 -0.11 -5.05
C THR A 652 -5.52 0.10 -4.29
N LEU A 653 -5.62 0.80 -3.16
CA LEU A 653 -4.45 1.05 -2.32
C LEU A 653 -3.89 -0.26 -1.79
N GLY A 654 -4.76 -1.23 -1.50
CA GLY A 654 -4.29 -2.52 -1.00
C GLY A 654 -3.39 -3.22 -2.00
N PHE A 655 -3.77 -3.20 -3.28
CA PHE A 655 -2.92 -3.81 -4.30
C PHE A 655 -1.59 -3.08 -4.42
N LEU A 656 -1.62 -1.74 -4.27
CA LEU A 656 -0.37 -0.99 -4.32
C LEU A 656 0.56 -1.39 -3.18
N ASN A 657 0.02 -1.50 -1.97
CA ASN A 657 0.85 -1.91 -0.84
C ASN A 657 1.37 -3.33 -1.02
N ALA A 658 0.53 -4.23 -1.53
CA ALA A 658 0.98 -5.60 -1.77
C ALA A 658 2.10 -5.63 -2.81
N THR A 659 1.96 -4.85 -3.88
CA THR A 659 3.01 -4.78 -4.89
C THR A 659 4.29 -4.22 -4.29
N VAL A 660 4.19 -3.17 -3.48
CA VAL A 660 5.37 -2.59 -2.85
C VAL A 660 6.09 -3.64 -2.00
N ARG A 661 5.33 -4.34 -1.14
CA ARG A 661 5.96 -5.32 -0.25
C ARG A 661 6.59 -6.46 -1.04
N SER A 662 5.85 -7.01 -2.00
CA SER A 662 6.36 -8.14 -2.77
C SER A 662 7.59 -7.75 -3.58
N MET A 663 7.57 -6.59 -4.21
CA MET A 663 8.68 -6.18 -5.06
C MET A 663 9.88 -5.74 -4.24
N ARG A 664 9.66 -5.21 -3.04
CA ARG A 664 10.78 -4.93 -2.14
C ARG A 664 11.41 -6.24 -1.65
N ASP A 665 10.59 -7.25 -1.38
CA ASP A 665 11.13 -8.55 -0.99
C ASP A 665 11.96 -9.18 -2.11
N ARG A 666 11.69 -8.84 -3.36
CA ARG A 666 12.46 -9.36 -4.48
C ARG A 666 13.87 -8.76 -4.55
N GLY A 667 14.17 -7.75 -3.74
CA GLY A 667 15.45 -7.09 -3.73
C GLY A 667 15.45 -5.72 -4.37
N LEU A 668 14.52 -5.46 -5.29
CA LEU A 668 14.40 -4.13 -5.86
C LEU A 668 13.92 -3.14 -4.81
N ARG A 669 14.46 -1.93 -4.84
CA ARG A 669 14.02 -0.86 -3.97
C ARG A 669 13.08 0.05 -4.75
N VAL A 670 11.96 0.42 -4.12
CA VAL A 670 10.83 1.02 -4.83
C VAL A 670 10.65 2.46 -4.38
N GLY A 671 10.16 3.29 -5.30
CA GLY A 671 9.76 4.64 -4.99
C GLY A 671 8.31 4.89 -5.35
N VAL A 672 7.46 5.14 -4.38
CA VAL A 672 6.02 5.21 -4.58
C VAL A 672 5.59 6.67 -4.64
N ILE A 673 4.74 6.99 -5.63
CA ILE A 673 4.14 8.30 -5.77
C ILE A 673 2.66 8.16 -5.44
N ALA A 674 2.22 8.88 -4.41
CA ALA A 674 0.84 8.77 -3.97
C ALA A 674 0.42 10.05 -3.27
N PRO A 675 -0.86 10.38 -3.28
CA PRO A 675 -1.33 11.53 -2.51
C PRO A 675 -1.18 11.29 -1.02
N TYR A 676 -1.16 12.41 -0.27
CA TYR A 676 -0.95 12.31 1.17
C TYR A 676 -2.04 11.50 1.86
N GLY A 677 -3.23 11.42 1.27
CA GLY A 677 -4.29 10.62 1.86
C GLY A 677 -3.95 9.15 1.95
N ASP A 678 -3.20 8.63 0.98
CA ASP A 678 -2.84 7.22 0.96
C ASP A 678 -1.80 6.94 2.05
N ALA A 679 -1.49 5.65 2.23
CA ALA A 679 -0.52 5.23 3.25
C ALA A 679 0.15 3.95 2.76
N ILE A 680 1.34 4.08 2.19
CA ILE A 680 2.13 2.91 1.82
C ILE A 680 2.56 2.19 3.11
N ASP A 681 2.57 0.85 3.06
CA ASP A 681 2.54 0.08 4.29
C ASP A 681 3.75 0.30 5.19
N ALA A 682 4.91 -0.26 4.85
CA ALA A 682 6.10 0.03 5.64
C ALA A 682 7.41 0.00 4.85
N ARG A 683 7.36 -0.41 3.59
CA ARG A 683 8.56 -0.92 2.93
C ARG A 683 8.98 -0.15 1.69
N ALA A 684 8.30 0.95 1.36
CA ALA A 684 8.73 1.75 0.23
C ALA A 684 9.98 2.54 0.57
N SER A 685 11.00 2.43 -0.27
CA SER A 685 12.27 3.10 0.01
C SER A 685 12.08 4.61 0.05
N LYS A 686 11.47 5.18 -0.98
CA LYS A 686 11.19 6.61 -1.04
C LYS A 686 9.72 6.81 -1.35
N VAL A 687 9.05 7.63 -0.54
CA VAL A 687 7.63 7.93 -0.71
C VAL A 687 7.49 9.40 -1.02
N TRP A 688 6.80 9.72 -2.12
CA TRP A 688 6.52 11.08 -2.52
C TRP A 688 5.05 11.35 -2.27
N TYR A 689 4.75 12.45 -1.58
CA TYR A 689 3.37 12.85 -1.30
C TYR A 689 3.05 14.07 -2.14
N CYS A 690 2.03 13.95 -3.00
CA CYS A 690 1.71 15.03 -3.93
C CYS A 690 1.17 16.26 -3.22
N MET A 691 0.55 16.09 -2.06
CA MET A 691 0.09 17.20 -1.21
C MET A 691 -0.87 18.11 -1.98
N ARG A 692 -2.01 17.52 -2.34
CA ARG A 692 -3.03 18.25 -3.10
C ARG A 692 -3.45 19.51 -2.37
N HIS A 693 -3.08 20.66 -2.93
CA HIS A 693 -3.33 21.95 -2.29
C HIS A 693 -4.25 22.84 -3.12
N GLY A 694 -3.97 23.02 -4.40
CA GLY A 694 -4.72 23.98 -5.20
C GLY A 694 -6.03 23.46 -5.74
N ASP A 695 -6.01 22.29 -6.40
CA ASP A 695 -7.21 21.73 -6.98
C ASP A 695 -7.13 20.21 -7.09
N GLY A 701 -3.94 15.17 -5.80
CA GLY A 701 -4.21 15.45 -7.20
C GLY A 701 -2.93 15.63 -8.00
N SER A 702 -2.95 15.22 -9.27
CA SER A 702 -1.77 15.30 -10.12
C SER A 702 -1.96 16.26 -11.28
N LEU A 703 -3.01 16.08 -12.09
CA LEU A 703 -3.24 16.84 -13.32
C LEU A 703 -2.05 16.76 -14.27
N GLY A 704 -1.18 15.78 -14.08
CA GLY A 704 0.01 15.62 -14.90
C GLY A 704 1.22 16.38 -14.41
N ALA A 705 1.06 17.68 -14.15
CA ALA A 705 2.19 18.52 -13.76
C ALA A 705 2.80 18.03 -12.46
N ASN A 706 1.96 17.77 -11.46
CA ASN A 706 2.44 17.22 -10.21
C ASN A 706 3.07 15.84 -10.42
N LEU A 707 2.49 15.05 -11.33
CA LEU A 707 3.04 13.73 -11.60
C LEU A 707 4.42 13.81 -12.25
N TYR A 708 4.60 14.73 -13.21
CA TYR A 708 5.93 14.92 -13.78
C TYR A 708 6.91 15.42 -12.72
N ALA A 709 6.48 16.34 -11.85
CA ALA A 709 7.38 16.81 -10.81
C ALA A 709 7.82 15.68 -9.89
N ALA A 710 6.87 14.83 -9.47
CA ALA A 710 7.21 13.70 -8.63
C ALA A 710 8.10 12.70 -9.35
N LEU A 711 7.83 12.46 -10.63
CA LEU A 711 8.64 11.54 -11.40
C LEU A 711 10.08 12.04 -11.52
N ARG A 712 10.25 13.34 -11.76
CA ARG A 712 11.59 13.91 -11.81
C ARG A 712 12.26 13.82 -10.45
N GLY A 713 11.51 14.05 -9.38
CA GLY A 713 12.09 14.01 -8.05
C GLY A 713 12.36 12.63 -7.50
N LEU A 714 11.92 11.58 -8.19
CA LEU A 714 12.25 10.21 -7.81
C LEU A 714 13.05 9.49 -8.90
N ASP A 715 13.63 10.23 -9.84
CA ASP A 715 14.48 9.66 -10.87
C ASP A 715 15.91 9.46 -10.38
N LEU A 716 16.12 9.36 -9.07
CA LEU A 716 17.45 9.20 -8.51
C LEU A 716 18.05 7.88 -8.97
N PRO A 717 19.37 7.83 -9.12
CA PRO A 717 20.02 6.54 -9.46
C PRO A 717 19.80 5.47 -8.42
N ASP A 718 19.52 5.84 -7.17
CA ASP A 718 19.30 4.84 -6.13
C ASP A 718 18.05 4.02 -6.39
N VAL A 719 16.92 4.69 -6.67
CA VAL A 719 15.65 4.00 -6.81
C VAL A 719 15.66 3.16 -8.08
N ASP A 720 15.12 1.95 -7.99
CA ASP A 720 15.07 1.03 -9.12
C ASP A 720 13.78 1.19 -9.92
N VAL A 721 12.63 1.25 -9.25
CA VAL A 721 11.34 1.38 -9.92
C VAL A 721 10.52 2.44 -9.21
N ILE A 722 9.56 3.00 -9.96
CA ILE A 722 8.63 3.99 -9.44
C ILE A 722 7.23 3.47 -9.66
N LEU A 723 6.48 3.32 -8.57
CA LEU A 723 5.10 2.85 -8.64
C LEU A 723 4.14 4.02 -8.49
N VAL A 724 3.25 4.18 -9.46
CA VAL A 724 2.23 5.22 -9.43
C VAL A 724 0.87 4.54 -9.51
N ARG A 725 0.00 4.83 -8.56
CA ARG A 725 -1.32 4.21 -8.50
C ARG A 725 -2.29 5.05 -9.32
N ALA A 726 -2.77 4.48 -10.42
CA ALA A 726 -3.77 5.14 -11.24
C ALA A 726 -5.15 4.88 -10.65
N VAL A 727 -5.78 5.93 -10.14
CA VAL A 727 -7.08 5.82 -9.47
C VAL A 727 -8.12 5.36 -10.48
N PRO A 728 -9.09 4.54 -10.07
CA PRO A 728 -10.14 4.11 -11.01
C PRO A 728 -10.95 5.26 -11.58
N ASP A 729 -11.11 6.35 -10.81
CA ASP A 729 -11.84 7.51 -11.33
C ASP A 729 -11.13 8.12 -12.54
N SER A 730 -9.80 8.26 -12.46
CA SER A 730 -8.99 8.79 -13.54
C SER A 730 -9.52 10.14 -14.03
N ARG A 731 -9.82 11.01 -13.08
CA ARG A 731 -10.40 12.32 -13.37
C ARG A 731 -9.40 13.46 -13.13
N THR A 732 -8.81 13.53 -11.94
CA THR A 732 -7.85 14.60 -11.66
C THR A 732 -6.62 14.48 -12.55
N GLY A 733 -6.10 13.27 -12.73
CA GLY A 733 -4.90 13.08 -13.51
C GLY A 733 -5.15 12.99 -15.01
N GLY A 734 -6.04 13.83 -15.53
CA GLY A 734 -6.35 13.78 -16.94
C GLY A 734 -5.24 14.29 -17.83
N ALA A 735 -4.54 13.37 -18.49
CA ALA A 735 -3.45 13.66 -19.41
C ALA A 735 -2.97 12.33 -19.98
N VAL A 736 -2.07 12.41 -20.96
CA VAL A 736 -1.48 11.20 -21.52
C VAL A 736 -0.24 10.78 -20.75
N MET A 737 0.12 11.51 -19.69
CA MET A 737 1.31 11.18 -18.92
C MET A 737 1.25 9.77 -18.36
N GLU A 738 0.12 9.41 -17.73
CA GLU A 738 -0.05 8.04 -17.26
C GLU A 738 -0.17 7.06 -18.41
N ARG A 739 -0.82 7.48 -19.51
CA ARG A 739 -0.90 6.61 -20.68
C ARG A 739 0.49 6.35 -21.26
N LEU A 740 1.33 7.39 -21.35
CA LEU A 740 2.70 7.20 -21.83
C LEU A 740 3.50 6.33 -20.87
N ALA A 741 3.34 6.53 -19.56
CA ALA A 741 4.10 5.76 -18.59
C ALA A 741 3.69 4.28 -18.62
N LYS A 742 2.40 4.01 -18.76
CA LYS A 742 1.94 2.63 -18.76
C LYS A 742 2.27 1.92 -20.07
N ALA A 743 2.61 2.66 -21.11
CA ALA A 743 2.90 2.10 -22.43
C ALA A 743 4.34 1.62 -22.56
N SER A 744 5.07 1.35 -21.47
CA SER A 744 6.47 0.93 -21.55
C SER A 744 6.62 -0.58 -21.72
N GLN A 745 5.58 -1.27 -22.21
CA GLN A 745 5.63 -2.70 -22.51
C GLN A 745 5.97 -3.50 -21.25
N GLY A 746 5.05 -3.45 -20.30
CA GLY A 746 5.19 -4.13 -19.03
C GLY A 746 5.10 -3.23 -17.82
N SER A 747 5.01 -1.91 -18.01
CA SER A 747 4.92 -0.99 -16.89
C SER A 747 3.51 -0.90 -16.32
N ARG A 748 2.53 -1.51 -16.98
CA ARG A 748 1.16 -1.49 -16.51
C ARG A 748 0.87 -2.74 -15.69
N LEU A 749 0.34 -2.55 -14.48
CA LEU A 749 -0.03 -3.65 -13.59
C LEU A 749 -1.49 -3.48 -13.22
N ILE A 750 -2.30 -4.50 -13.50
CA ILE A 750 -3.72 -4.47 -13.18
C ILE A 750 -3.98 -5.40 -12.00
N GLU A 751 -4.69 -4.89 -11.00
CA GLU A 751 -5.06 -5.71 -9.87
C GLU A 751 -6.05 -6.79 -10.32
N PRO A 752 -5.83 -8.04 -9.94
CA PRO A 752 -6.82 -9.08 -10.27
C PRO A 752 -8.17 -8.76 -9.67
N ALA A 753 -9.21 -8.85 -10.48
CA ALA A 753 -10.54 -8.42 -10.06
C ALA A 753 -11.07 -9.31 -8.95
N MET A 754 -12.21 -8.93 -8.38
CA MET A 754 -12.82 -9.73 -7.33
C MET A 754 -13.17 -11.12 -7.84
N THR A 755 -13.53 -11.22 -9.11
CA THR A 755 -13.84 -12.49 -9.76
C THR A 755 -12.68 -13.04 -10.56
N ALA A 756 -11.44 -12.69 -10.19
CA ALA A 756 -10.28 -13.08 -10.98
C ALA A 756 -10.16 -14.60 -11.07
N ARG A 757 -10.35 -15.31 -9.96
CA ARG A 757 -10.35 -16.76 -10.02
C ARG A 757 -11.55 -17.28 -10.82
N LEU A 758 -12.69 -16.61 -10.70
CA LEU A 758 -13.85 -17.01 -11.49
C LEU A 758 -13.61 -16.82 -12.98
N GLU A 759 -13.01 -15.68 -13.36
CA GLU A 759 -12.65 -15.48 -14.77
C GLU A 759 -11.56 -16.44 -15.22
N ARG A 760 -10.71 -16.90 -14.29
CA ARG A 760 -9.80 -17.99 -14.63
C ARG A 760 -10.56 -19.27 -14.95
N MET A 761 -11.59 -19.58 -14.15
CA MET A 761 -12.30 -20.83 -14.34
C MET A 761 -13.24 -20.79 -15.55
N ILE A 762 -13.97 -19.69 -15.72
CA ILE A 762 -14.88 -19.55 -16.85
C ILE A 762 -14.56 -18.24 -17.57
N GLY A 763 -14.93 -18.17 -18.84
CA GLY A 763 -14.55 -17.08 -19.69
C GLY A 763 -14.87 -15.70 -19.16
N ALA A 764 -14.08 -14.70 -19.56
CA ALA A 764 -14.34 -13.33 -19.13
C ALA A 764 -15.71 -12.85 -19.59
N ASP A 765 -16.10 -13.24 -20.81
CA ASP A 765 -17.43 -12.90 -21.29
C ASP A 765 -18.51 -13.54 -20.42
N VAL A 766 -18.26 -14.76 -19.94
CA VAL A 766 -19.24 -15.43 -19.07
C VAL A 766 -19.39 -14.67 -17.77
N VAL A 767 -18.28 -14.23 -17.17
CA VAL A 767 -18.34 -13.49 -15.92
C VAL A 767 -19.02 -12.14 -16.15
N GLN A 768 -18.77 -11.52 -17.31
CA GLN A 768 -19.47 -10.28 -17.64
C GLN A 768 -20.97 -10.51 -17.77
N ARG A 769 -21.37 -11.64 -18.36
CA ARG A 769 -22.78 -11.98 -18.45
C ARG A 769 -23.39 -12.15 -17.07
N ILE A 770 -22.68 -12.82 -16.17
CA ILE A 770 -23.15 -12.96 -14.79
C ILE A 770 -23.27 -11.59 -14.14
N ALA A 771 -22.33 -10.68 -14.43
CA ALA A 771 -22.38 -9.34 -13.86
C ALA A 771 -23.62 -8.59 -14.34
N ARG A 772 -23.94 -8.70 -15.64
CA ARG A 772 -25.11 -8.05 -16.18
C ARG A 772 -26.42 -8.69 -15.72
N GLY A 773 -26.37 -9.88 -15.13
CA GLY A 773 -27.58 -10.53 -14.68
C GLY A 773 -28.20 -9.83 -13.49
N ARG A 774 -29.48 -10.14 -13.25
CA ARG A 774 -30.24 -9.59 -12.15
C ARG A 774 -30.81 -10.72 -11.31
N VAL A 775 -31.07 -10.43 -10.04
CA VAL A 775 -31.62 -11.41 -9.10
C VAL A 775 -32.64 -10.70 -8.23
N LEU A 776 -33.68 -11.43 -7.83
CA LEU A 776 -34.81 -10.88 -7.07
C LEU A 776 -34.99 -11.69 -5.78
N VAL A 777 -33.93 -11.80 -5.00
CA VAL A 777 -33.99 -12.50 -3.72
C VAL A 777 -35.15 -11.96 -2.90
N CYS A 778 -36.08 -12.84 -2.56
CA CYS A 778 -37.22 -12.50 -1.71
C CYS A 778 -36.83 -12.62 -0.24
N GLY A 779 -37.84 -12.65 0.63
CA GLY A 779 -37.66 -12.61 2.08
C GLY A 779 -36.45 -13.37 2.59
N LEU A 780 -35.54 -12.63 3.23
CA LEU A 780 -34.22 -13.14 3.59
C LEU A 780 -34.20 -13.81 4.95
N GLY A 781 -35.36 -14.27 5.44
CA GLY A 781 -35.39 -14.98 6.70
C GLY A 781 -34.62 -16.29 6.66
N GLY A 782 -34.63 -16.96 5.51
CA GLY A 782 -33.93 -18.21 5.37
C GLY A 782 -32.57 -18.09 4.73
N ALA A 783 -32.41 -18.67 3.54
CA ALA A 783 -31.13 -18.65 2.84
C ALA A 783 -30.96 -17.44 1.94
N GLY A 784 -31.83 -16.43 2.06
CA GLY A 784 -31.73 -15.27 1.18
C GLY A 784 -30.45 -14.49 1.39
N ALA A 785 -30.12 -14.20 2.66
CA ALA A 785 -28.93 -13.39 2.94
C ALA A 785 -27.63 -14.07 2.51
N PRO A 786 -27.38 -15.35 2.86
CA PRO A 786 -26.17 -15.98 2.33
C PRO A 786 -26.14 -15.99 0.81
N LEU A 787 -27.28 -16.22 0.17
CA LEU A 787 -27.32 -16.20 -1.29
C LEU A 787 -26.95 -14.83 -1.84
N VAL A 788 -27.42 -13.77 -1.19
CA VAL A 788 -27.05 -12.42 -1.63
C VAL A 788 -25.56 -12.21 -1.49
N ASP A 789 -24.97 -12.65 -0.38
CA ASP A 789 -23.52 -12.55 -0.23
C ASP A 789 -22.80 -13.28 -1.35
N MET A 790 -23.21 -14.53 -1.62
CA MET A 790 -22.54 -15.33 -2.64
C MET A 790 -22.65 -14.66 -4.01
N ALA A 791 -23.84 -14.15 -4.34
CA ALA A 791 -24.05 -13.52 -5.64
C ALA A 791 -23.24 -12.24 -5.76
N VAL A 792 -23.24 -11.39 -4.73
CA VAL A 792 -22.51 -10.14 -4.80
C VAL A 792 -21.01 -10.39 -4.94
N ARG A 793 -20.48 -11.34 -4.18
CA ARG A 793 -19.05 -11.65 -4.31
C ARG A 793 -18.74 -12.31 -5.65
N ALA A 794 -19.66 -13.11 -6.18
CA ALA A 794 -19.43 -13.78 -7.44
C ALA A 794 -19.40 -12.81 -8.62
N GLY A 795 -19.97 -11.62 -8.46
CA GLY A 795 -19.97 -10.61 -9.50
C GLY A 795 -21.34 -10.16 -9.97
N VAL A 796 -22.43 -10.66 -9.39
CA VAL A 796 -23.76 -10.26 -9.82
C VAL A 796 -23.95 -8.76 -9.62
N GLY A 797 -24.73 -8.14 -10.50
CA GLY A 797 -24.91 -6.71 -10.58
C GLY A 797 -26.20 -6.31 -9.89
N ARG A 798 -27.27 -6.13 -10.64
CA ARG A 798 -28.54 -5.68 -10.06
C ARG A 798 -29.14 -6.78 -9.19
N LEU A 799 -29.62 -6.40 -8.01
CA LEU A 799 -30.35 -7.29 -7.12
C LEU A 799 -31.61 -6.61 -6.60
N GLY A 800 -32.47 -7.41 -5.98
CA GLY A 800 -33.65 -6.90 -5.32
C GLY A 800 -33.98 -7.73 -4.10
N LEU A 801 -34.53 -7.07 -3.08
CA LEU A 801 -34.85 -7.71 -1.82
C LEU A 801 -36.31 -7.45 -1.47
N LEU A 802 -36.94 -8.39 -0.78
CA LEU A 802 -38.36 -8.34 -0.45
C LEU A 802 -38.61 -8.81 0.98
N ASP A 803 -37.80 -8.35 1.92
CA ASP A 803 -37.93 -8.79 3.31
C ASP A 803 -38.08 -7.58 4.23
N PRO A 804 -39.30 -7.22 4.64
CA PRO A 804 -39.52 -6.04 5.50
C PRO A 804 -39.50 -6.38 6.98
N ASP A 805 -38.40 -6.98 7.44
CA ASP A 805 -38.31 -7.40 8.84
C ASP A 805 -36.99 -6.92 9.43
N ARG A 806 -36.87 -7.08 10.74
CA ARG A 806 -35.67 -6.69 11.47
C ARG A 806 -35.05 -7.93 12.09
N VAL A 807 -33.72 -7.92 12.20
CA VAL A 807 -32.97 -9.07 12.66
C VAL A 807 -33.18 -9.28 14.15
N ASP A 808 -32.78 -10.44 14.66
CA ASP A 808 -32.91 -10.76 16.06
C ASP A 808 -31.71 -11.59 16.48
N LEU A 809 -31.65 -11.93 17.77
CA LEU A 809 -30.54 -12.74 18.27
C LEU A 809 -30.55 -14.13 17.63
N SER A 810 -31.72 -14.73 17.47
CA SER A 810 -31.80 -16.04 16.83
C SER A 810 -31.54 -15.96 15.34
N ASN A 811 -31.88 -14.84 14.71
CA ASN A 811 -31.67 -14.67 13.27
C ASN A 811 -30.20 -14.51 12.94
N LEU A 812 -29.35 -14.31 13.94
CA LEU A 812 -27.94 -14.04 13.72
C LEU A 812 -27.24 -15.17 12.97
N VAL A 813 -27.66 -16.42 13.20
CA VAL A 813 -26.94 -17.56 12.65
C VAL A 813 -27.03 -17.60 11.13
N ARG A 814 -28.22 -17.36 10.58
CA ARG A 814 -28.42 -17.48 9.14
C ARG A 814 -27.92 -16.26 8.38
N MET A 815 -27.56 -15.18 9.06
CA MET A 815 -27.07 -13.98 8.40
C MET A 815 -25.56 -13.95 8.43
N PRO A 816 -24.88 -14.05 7.28
CA PRO A 816 -23.45 -13.71 7.28
C PRO A 816 -23.20 -12.23 7.41
N GLN A 817 -24.15 -11.40 6.96
CA GLN A 817 -24.06 -9.94 7.11
C GLN A 817 -24.80 -9.54 8.38
N ALA A 818 -24.15 -9.77 9.52
CA ALA A 818 -24.78 -9.41 10.78
C ALA A 818 -23.72 -9.29 11.86
N THR A 819 -23.98 -8.38 12.80
CA THR A 819 -23.15 -8.20 13.98
C THR A 819 -24.07 -8.09 15.18
N LEU A 820 -23.51 -8.31 16.38
CA LEU A 820 -24.32 -8.17 17.59
C LEU A 820 -24.83 -6.74 17.74
N ALA A 821 -24.08 -5.76 17.24
CA ALA A 821 -24.54 -4.37 17.23
C ALA A 821 -25.33 -4.06 15.97
N ASP A 822 -26.30 -4.93 15.67
CA ASP A 822 -27.20 -4.72 14.54
C ASP A 822 -28.62 -5.15 14.84
N VAL A 823 -28.93 -5.56 16.08
CA VAL A 823 -30.24 -6.10 16.41
C VAL A 823 -31.30 -5.02 16.21
N ASP A 824 -32.48 -5.45 15.75
CA ASP A 824 -33.66 -4.64 15.51
C ASP A 824 -33.51 -3.70 14.31
N ARG A 825 -32.34 -3.66 13.69
CA ARG A 825 -32.16 -2.88 12.47
C ARG A 825 -32.79 -3.61 11.29
N ARG A 826 -33.21 -2.84 10.29
CA ARG A 826 -33.85 -3.41 9.12
C ARG A 826 -32.91 -4.38 8.41
N LYS A 827 -33.38 -5.61 8.20
CA LYS A 827 -32.56 -6.63 7.57
C LYS A 827 -32.19 -6.25 6.15
N ILE A 828 -33.17 -5.72 5.40
CA ILE A 828 -32.94 -5.34 4.02
C ILE A 828 -31.85 -4.28 3.94
N ASP A 829 -31.87 -3.30 4.85
CA ASP A 829 -30.86 -2.25 4.84
C ASP A 829 -29.47 -2.80 5.16
N VAL A 830 -29.39 -3.71 6.14
CA VAL A 830 -28.11 -4.31 6.51
C VAL A 830 -27.52 -5.06 5.33
N VAL A 831 -28.34 -5.90 4.69
CA VAL A 831 -27.86 -6.66 3.54
C VAL A 831 -27.43 -5.73 2.42
N ALA A 832 -28.21 -4.66 2.18
CA ALA A 832 -27.88 -3.72 1.12
C ALA A 832 -26.56 -3.03 1.38
N GLU A 833 -26.34 -2.57 2.61
CA GLU A 833 -25.10 -1.83 2.88
C GLU A 833 -23.90 -2.77 2.86
N ARG A 834 -24.05 -4.01 3.32
CA ARG A 834 -22.95 -4.95 3.21
C ARG A 834 -22.63 -5.26 1.76
N ALA A 835 -23.66 -5.43 0.92
CA ALA A 835 -23.43 -5.68 -0.50
C ALA A 835 -22.73 -4.50 -1.17
N ARG A 836 -23.14 -3.27 -0.83
CA ARG A 836 -22.49 -2.10 -1.39
C ARG A 836 -21.05 -1.98 -0.90
N ALA A 837 -20.80 -2.38 0.35
CA ALA A 837 -19.43 -2.39 0.86
C ALA A 837 -18.57 -3.38 0.08
N VAL A 838 -19.09 -4.58 -0.19
CA VAL A 838 -18.32 -5.57 -0.94
C VAL A 838 -18.11 -5.09 -2.37
N ASN A 839 -19.15 -4.58 -3.01
CA ASN A 839 -19.08 -4.11 -4.39
C ASN A 839 -19.60 -2.69 -4.45
N PRO A 840 -18.77 -1.70 -4.79
CA PRO A 840 -19.26 -0.31 -4.83
C PRO A 840 -20.30 -0.09 -5.91
N ASP A 841 -19.98 -0.51 -7.13
CA ASP A 841 -20.90 -0.35 -8.27
C ASP A 841 -21.92 -1.48 -8.32
N ALA A 842 -22.61 -1.71 -7.20
CA ALA A 842 -23.65 -2.72 -7.09
C ALA A 842 -24.99 -2.01 -7.08
N ASP A 843 -25.80 -2.23 -8.10
CA ASP A 843 -27.10 -1.58 -8.23
C ASP A 843 -28.12 -2.37 -7.43
N LEU A 844 -28.52 -1.83 -6.29
CA LEU A 844 -29.53 -2.45 -5.44
C LEU A 844 -30.78 -1.58 -5.44
N THR A 845 -31.94 -2.24 -5.57
CA THR A 845 -33.23 -1.59 -5.76
C THR A 845 -34.22 -2.08 -4.72
N LEU A 846 -33.82 -2.02 -3.45
CA LEU A 846 -34.57 -2.56 -2.32
C LEU A 846 -36.06 -2.29 -2.43
N LEU A 847 -36.86 -3.36 -2.42
CA LEU A 847 -38.30 -3.24 -2.54
C LEU A 847 -39.02 -3.20 -1.20
N ALA A 848 -38.46 -3.85 -0.18
CA ALA A 848 -39.13 -4.02 1.10
C ALA A 848 -40.53 -4.59 0.90
N HIS A 849 -41.51 -4.06 1.65
CA HIS A 849 -42.92 -4.43 1.52
C HIS A 849 -43.19 -5.85 1.98
N ARG A 850 -44.38 -6.09 2.52
CA ARG A 850 -44.76 -7.40 3.02
C ARG A 850 -45.15 -8.30 1.84
N ILE A 851 -45.82 -9.42 2.13
CA ILE A 851 -46.27 -10.37 1.11
C ILE A 851 -46.94 -9.65 -0.05
N THR A 852 -47.55 -8.49 0.23
CA THR A 852 -48.04 -7.56 -0.78
C THR A 852 -49.05 -8.25 -1.69
N PRO A 853 -50.29 -8.47 -1.22
CA PRO A 853 -51.29 -9.12 -2.07
C PRO A 853 -51.44 -8.42 -3.41
N ASP A 854 -51.48 -9.21 -4.48
CA ASP A 854 -51.58 -8.80 -5.87
C ASP A 854 -50.27 -8.21 -6.39
N PHE A 855 -49.34 -7.91 -5.46
CA PHE A 855 -47.92 -7.65 -5.76
C PHE A 855 -47.72 -6.81 -7.02
N ASP A 856 -48.54 -5.77 -7.19
CA ASP A 856 -48.52 -5.02 -8.44
C ASP A 856 -47.15 -4.40 -8.70
N MET A 857 -46.61 -3.66 -7.73
CA MET A 857 -45.26 -3.14 -7.84
C MET A 857 -44.25 -4.29 -7.92
N GLY A 858 -44.44 -5.31 -7.09
CA GLY A 858 -43.59 -6.49 -7.17
C GLY A 858 -43.70 -7.18 -8.52
N ALA A 859 -44.91 -7.22 -9.08
CA ALA A 859 -45.08 -7.84 -10.39
C ALA A 859 -44.34 -7.06 -11.48
N LEU A 860 -44.46 -5.73 -11.45
CA LEU A 860 -43.78 -4.92 -12.46
C LEU A 860 -42.27 -5.06 -12.35
N ARG A 861 -41.74 -5.04 -11.12
CA ARG A 861 -40.31 -5.21 -10.95
C ARG A 861 -39.84 -6.62 -11.29
N ALA A 862 -40.68 -7.63 -11.04
CA ALA A 862 -40.35 -8.99 -11.47
C ALA A 862 -40.29 -9.07 -12.99
N HIS A 863 -41.19 -8.35 -13.67
CA HIS A 863 -41.09 -8.24 -15.11
C HIS A 863 -39.77 -7.59 -15.53
N GLU A 864 -39.38 -6.51 -14.84
CA GLU A 864 -38.13 -5.83 -15.20
C GLU A 864 -36.92 -6.69 -14.87
N TYR A 865 -37.00 -7.52 -13.83
CA TYR A 865 -35.82 -8.19 -13.29
C TYR A 865 -35.64 -9.56 -13.94
N ASP A 866 -34.82 -10.38 -13.29
CA ASP A 866 -34.49 -11.73 -13.70
C ASP A 866 -34.83 -12.65 -12.55
N ILE A 867 -34.26 -13.86 -12.52
CA ILE A 867 -34.67 -14.96 -11.63
C ILE A 867 -35.04 -14.45 -10.24
N ILE A 868 -36.15 -14.94 -9.71
CA ILE A 868 -36.86 -14.30 -8.60
C ILE A 868 -36.82 -15.18 -7.36
N VAL A 869 -35.68 -15.85 -7.16
CA VAL A 869 -35.45 -16.78 -6.05
C VAL A 869 -36.04 -16.24 -4.76
N ASP A 870 -36.69 -17.12 -3.99
CA ASP A 870 -37.40 -16.72 -2.79
C ASP A 870 -37.03 -17.63 -1.62
N ALA A 871 -37.09 -17.06 -0.42
CA ALA A 871 -36.89 -17.82 0.81
C ALA A 871 -37.93 -17.47 1.86
N VAL A 872 -39.14 -17.13 1.44
CA VAL A 872 -40.19 -16.65 2.35
C VAL A 872 -40.55 -17.73 3.35
N ASP A 873 -40.41 -17.41 4.64
CA ASP A 873 -40.79 -18.36 5.68
C ASP A 873 -42.30 -18.61 5.66
N ASP A 874 -43.08 -17.58 5.38
CA ASP A 874 -44.53 -17.69 5.35
C ASP A 874 -44.96 -18.61 4.20
N PRO A 875 -45.68 -19.70 4.48
CA PRO A 875 -46.16 -20.56 3.38
C PRO A 875 -47.05 -19.85 2.39
N ALA A 876 -47.87 -18.90 2.84
CA ALA A 876 -48.77 -18.17 1.95
C ALA A 876 -48.04 -17.27 0.97
N GLY A 877 -47.04 -16.53 1.44
CA GLY A 877 -46.27 -15.68 0.54
C GLY A 877 -45.52 -16.48 -0.51
N LYS A 878 -44.93 -17.61 -0.09
CA LYS A 878 -44.23 -18.48 -1.02
C LYS A 878 -45.15 -18.94 -2.15
N VAL A 879 -46.32 -19.47 -1.79
CA VAL A 879 -47.22 -20.00 -2.80
C VAL A 879 -47.80 -18.87 -3.65
N ALA A 880 -48.03 -17.69 -3.07
CA ALA A 880 -48.51 -16.57 -3.86
C ALA A 880 -47.48 -16.16 -4.92
N LEU A 881 -46.20 -16.07 -4.51
CA LEU A 881 -45.17 -15.71 -5.46
C LEU A 881 -44.99 -16.77 -6.53
N ILE A 882 -45.06 -18.05 -6.13
CA ILE A 882 -44.95 -19.14 -7.11
C ILE A 882 -46.09 -19.06 -8.11
N LYS A 883 -47.31 -18.79 -7.63
CA LYS A 883 -48.45 -18.66 -8.51
C LYS A 883 -48.26 -17.51 -9.48
N TYR A 884 -47.79 -16.37 -8.99
CA TYR A 884 -47.54 -15.23 -9.88
C TYR A 884 -46.51 -15.59 -10.94
N ALA A 885 -45.42 -16.24 -10.52
CA ALA A 885 -44.35 -16.56 -11.46
C ALA A 885 -44.81 -17.54 -12.52
N VAL A 886 -45.57 -18.56 -12.13
CA VAL A 886 -46.02 -19.55 -13.09
C VAL A 886 -47.08 -18.96 -14.02
N GLU A 887 -47.91 -18.04 -13.52
CA GLU A 887 -48.90 -17.41 -14.37
C GLU A 887 -48.25 -16.40 -15.33
N ASN A 888 -47.11 -15.84 -14.97
CA ASN A 888 -46.41 -14.89 -15.82
C ASN A 888 -45.14 -15.45 -16.46
N LYS A 889 -44.92 -16.76 -16.35
CA LYS A 889 -43.79 -17.44 -17.01
C LYS A 889 -42.46 -16.79 -16.66
N LEU A 890 -42.25 -16.57 -15.36
CA LEU A 890 -40.98 -15.99 -14.93
C LEU A 890 -40.07 -17.08 -14.35
N PRO A 891 -38.76 -16.97 -14.53
CA PRO A 891 -37.85 -17.98 -13.98
C PRO A 891 -37.85 -17.97 -12.46
N LEU A 892 -38.17 -19.12 -11.87
CA LEU A 892 -38.29 -19.25 -10.43
C LEU A 892 -37.66 -20.54 -9.94
N ILE A 893 -36.88 -20.44 -8.87
CA ILE A 893 -36.52 -21.57 -8.03
C ILE A 893 -36.66 -21.15 -6.57
N SER A 894 -37.27 -22.01 -5.77
CA SER A 894 -37.50 -21.73 -4.37
C SER A 894 -36.58 -22.58 -3.50
N CYS A 895 -36.68 -22.39 -2.20
CA CYS A 895 -35.91 -23.21 -1.27
C CYS A 895 -36.78 -23.89 -0.23
N MET A 896 -37.85 -23.23 0.22
CA MET A 896 -38.70 -23.69 1.31
C MET A 896 -37.91 -24.42 2.40
N GLY A 897 -38.18 -25.72 2.59
CA GLY A 897 -37.58 -26.46 3.68
C GLY A 897 -36.06 -26.43 3.71
N ALA A 898 -35.51 -25.71 4.69
CA ALA A 898 -34.08 -25.68 4.94
C ALA A 898 -33.71 -25.88 6.40
N GLY A 899 -34.62 -25.62 7.33
CA GLY A 899 -34.40 -25.88 8.73
C GLY A 899 -35.00 -27.21 9.16
N ASN A 900 -34.76 -27.55 10.42
CA ASN A 900 -35.17 -28.80 11.06
C ASN A 900 -34.46 -30.01 10.48
N LYS A 901 -33.54 -29.84 9.54
CA LYS A 901 -32.79 -30.95 8.98
C LYS A 901 -31.49 -31.15 9.75
N THR A 902 -30.99 -32.39 9.72
CA THR A 902 -29.83 -32.73 10.52
C THR A 902 -28.64 -33.16 9.65
N ASP A 903 -28.90 -34.04 8.69
CA ASP A 903 -27.84 -34.64 7.90
C ASP A 903 -27.44 -33.75 6.73
N VAL A 904 -26.12 -33.57 6.57
CA VAL A 904 -25.60 -32.80 5.44
C VAL A 904 -25.25 -33.69 4.26
N THR A 905 -25.38 -35.01 4.41
CA THR A 905 -25.03 -35.92 3.32
C THR A 905 -25.89 -35.66 2.08
N GLN A 906 -27.19 -35.44 2.28
CA GLN A 906 -28.09 -35.07 1.17
C GLN A 906 -29.10 -34.06 1.70
N VAL A 907 -28.79 -32.77 1.50
CA VAL A 907 -29.68 -31.67 1.82
C VAL A 907 -29.70 -30.74 0.61
N HIS A 908 -29.25 -31.27 -0.52
CA HIS A 908 -29.04 -30.50 -1.75
C HIS A 908 -29.79 -31.19 -2.90
N ARG A 909 -30.76 -30.49 -3.47
CA ARG A 909 -31.48 -30.98 -4.63
C ARG A 909 -32.04 -29.82 -5.41
N VAL A 910 -32.12 -29.99 -6.74
CA VAL A 910 -32.78 -29.04 -7.63
C VAL A 910 -33.75 -29.87 -8.48
N VAL A 911 -34.99 -29.99 -8.01
CA VAL A 911 -36.01 -30.78 -8.68
C VAL A 911 -37.29 -29.96 -8.76
N ASP A 912 -38.15 -30.33 -9.70
CA ASP A 912 -39.48 -29.74 -9.75
C ASP A 912 -40.28 -30.18 -8.53
N ILE A 913 -41.11 -29.26 -8.02
CA ILE A 913 -41.79 -29.51 -6.75
C ILE A 913 -42.74 -30.69 -6.83
N ALA A 914 -43.23 -31.04 -8.02
CA ALA A 914 -44.07 -32.22 -8.15
C ALA A 914 -43.32 -33.51 -7.83
N ASP A 915 -42.01 -33.51 -8.00
CA ASP A 915 -41.16 -34.66 -7.70
C ASP A 915 -40.59 -34.62 -6.29
N ALA A 916 -40.86 -33.56 -5.54
CA ALA A 916 -40.24 -33.38 -4.23
C ALA A 916 -40.71 -34.45 -3.25
N ASP A 917 -39.76 -35.04 -2.52
CA ASP A 917 -40.08 -35.97 -1.45
C ASP A 917 -40.41 -35.19 -0.18
N VAL A 918 -40.40 -35.86 0.98
CA VAL A 918 -41.15 -35.40 2.14
C VAL A 918 -40.87 -33.94 2.50
N CYS A 919 -39.67 -33.61 2.95
CA CYS A 919 -39.22 -32.22 3.15
C CYS A 919 -40.37 -31.32 3.61
N LEU A 920 -40.94 -31.68 4.76
CA LEU A 920 -42.34 -31.38 5.12
C LEU A 920 -42.89 -30.07 4.58
N LEU A 921 -42.11 -28.99 4.68
CA LEU A 921 -42.57 -27.72 4.13
C LEU A 921 -42.75 -27.81 2.62
N ALA A 922 -41.96 -28.67 1.95
CA ALA A 922 -42.18 -28.91 0.53
C ALA A 922 -43.54 -29.55 0.29
N LEU A 923 -43.96 -30.49 1.15
CA LEU A 923 -45.29 -31.04 1.03
C LEU A 923 -46.36 -29.99 1.26
N GLU A 924 -46.15 -29.10 2.23
CA GLU A 924 -47.13 -28.05 2.48
C GLU A 924 -47.28 -27.16 1.24
N THR A 925 -46.16 -26.72 0.67
CA THR A 925 -46.20 -25.91 -0.54
C THR A 925 -46.81 -26.69 -1.70
N LYS A 926 -46.55 -28.00 -1.75
CA LYS A 926 -47.13 -28.84 -2.81
C LYS A 926 -48.65 -28.84 -2.71
N ARG A 927 -49.19 -29.03 -1.50
CA ARG A 927 -50.64 -29.04 -1.32
C ARG A 927 -51.24 -27.69 -1.67
N LEU A 928 -50.59 -26.61 -1.23
CA LEU A 928 -51.12 -25.28 -1.52
C LEU A 928 -51.08 -24.99 -3.02
N LEU A 929 -50.02 -25.41 -3.71
CA LEU A 929 -49.95 -25.19 -5.15
C LEU A 929 -50.97 -26.04 -5.89
N ALA A 930 -51.21 -27.27 -5.43
CA ALA A 930 -52.24 -28.10 -6.02
C ALA A 930 -53.62 -27.46 -5.85
N LYS A 931 -53.88 -26.89 -4.67
CA LYS A 931 -55.12 -26.16 -4.48
C LYS A 931 -55.18 -24.94 -5.37
N GLU A 932 -54.03 -24.29 -5.64
CA GLU A 932 -54.01 -23.16 -6.54
C GLU A 932 -54.41 -23.56 -7.95
N GLY A 933 -53.94 -24.70 -8.43
CA GLY A 933 -54.40 -25.22 -9.69
C GLY A 933 -53.34 -25.82 -10.60
N ILE A 934 -52.12 -25.30 -10.56
CA ILE A 934 -51.05 -25.76 -11.44
C ILE A 934 -49.85 -26.19 -10.58
N THR A 935 -49.37 -27.41 -10.82
CA THR A 935 -48.11 -27.86 -10.21
C THR A 935 -47.47 -28.88 -11.15
N ARG A 936 -46.67 -28.39 -12.09
CA ARG A 936 -45.85 -29.29 -12.89
C ARG A 936 -44.41 -28.80 -13.07
N GLY A 937 -44.24 -27.49 -13.24
CA GLY A 937 -42.97 -26.99 -13.73
C GLY A 937 -42.32 -25.84 -12.98
N VAL A 938 -42.41 -25.83 -11.65
CA VAL A 938 -41.74 -24.84 -10.82
C VAL A 938 -40.64 -25.53 -10.05
N LYS A 939 -39.44 -24.93 -10.05
CA LYS A 939 -38.29 -25.54 -9.42
C LYS A 939 -38.30 -25.28 -7.91
N CYS A 940 -37.51 -26.08 -7.20
CA CYS A 940 -37.42 -25.97 -5.75
C CYS A 940 -36.14 -26.64 -5.29
N VAL A 941 -35.77 -26.35 -4.04
CA VAL A 941 -34.56 -26.91 -3.43
C VAL A 941 -35.02 -27.69 -2.20
N VAL A 942 -35.10 -29.00 -2.32
CA VAL A 942 -35.55 -29.86 -1.24
C VAL A 942 -34.36 -30.61 -0.65
N THR A 943 -34.49 -30.98 0.62
CA THR A 943 -33.42 -31.69 1.31
C THR A 943 -33.30 -33.13 0.84
N GLN A 944 -34.44 -33.82 0.73
CA GLN A 944 -34.49 -35.26 0.46
C GLN A 944 -33.76 -36.05 1.54
N GLY A 945 -33.70 -35.51 2.76
CA GLY A 945 -33.03 -36.15 3.86
C GLY A 945 -33.95 -36.47 5.02
N ASP A 946 -33.79 -35.75 6.12
CA ASP A 946 -34.58 -35.97 7.32
C ASP A 946 -35.13 -34.64 7.82
N HIS A 947 -36.45 -34.49 7.80
CA HIS A 947 -37.12 -33.28 8.28
C HIS A 947 -37.75 -33.61 9.63
N TRP A 948 -37.07 -33.23 10.70
CA TRP A 948 -37.56 -33.54 12.04
C TRP A 948 -38.66 -32.56 12.43
N VAL A 949 -39.74 -33.09 13.00
CA VAL A 949 -40.89 -32.27 13.36
C VAL A 949 -40.56 -31.47 14.63
N PHE A 950 -39.99 -32.15 15.62
CA PHE A 950 -39.60 -31.53 16.89
C PHE A 950 -40.78 -30.83 17.55
N ALA A 951 -41.96 -31.46 17.46
CA ALA A 951 -43.19 -30.93 18.06
C ALA A 951 -43.50 -29.52 17.58
N ILE A 959 -39.20 -24.14 15.00
CA ILE A 959 -38.57 -24.26 13.69
C ILE A 959 -37.06 -24.17 13.84
N GLY A 960 -36.43 -25.28 14.23
CA GLY A 960 -35.00 -25.32 14.42
C GLY A 960 -34.24 -25.34 13.11
N ASN A 961 -32.91 -25.32 13.23
CA ASN A 961 -32.07 -25.32 12.04
C ASN A 961 -30.71 -25.92 12.35
N TRP A 962 -30.07 -26.49 11.33
CA TRP A 962 -28.69 -26.92 11.42
C TRP A 962 -27.84 -25.93 10.62
N PRO A 963 -26.88 -25.24 11.25
CA PRO A 963 -26.15 -24.17 10.56
C PRO A 963 -25.50 -24.62 9.27
N PRO A 964 -24.94 -25.85 9.19
CA PRO A 964 -24.45 -26.31 7.88
C PRO A 964 -25.53 -26.37 6.81
N CYS A 965 -26.76 -26.74 7.16
CA CYS A 965 -27.79 -26.97 6.15
C CYS A 965 -28.19 -25.68 5.44
N TYR A 966 -28.33 -24.58 6.17
CA TYR A 966 -28.72 -23.33 5.54
C TYR A 966 -27.67 -22.86 4.55
N PHE A 967 -26.40 -22.93 4.92
CA PHE A 967 -25.34 -22.52 4.01
C PHE A 967 -25.22 -23.49 2.84
N MET A 968 -25.51 -24.77 3.07
CA MET A 968 -25.52 -25.73 1.96
C MET A 968 -26.60 -25.39 0.95
N ALA A 969 -27.82 -25.09 1.45
CA ALA A 969 -28.90 -24.69 0.56
C ALA A 969 -28.58 -23.40 -0.17
N ALA A 970 -27.93 -22.46 0.52
CA ALA A 970 -27.50 -21.23 -0.13
C ALA A 970 -26.51 -21.53 -1.25
N ALA A 971 -25.59 -22.47 -1.02
CA ALA A 971 -24.65 -22.85 -2.06
C ALA A 971 -25.36 -23.45 -3.26
N VAL A 972 -26.37 -24.30 -3.01
CA VAL A 972 -27.12 -24.89 -4.12
C VAL A 972 -27.87 -23.81 -4.90
N LEU A 973 -28.47 -22.86 -4.19
CA LEU A 973 -29.16 -21.76 -4.86
C LEU A 973 -28.18 -20.93 -5.68
N LEU A 974 -26.99 -20.68 -5.15
CA LEU A 974 -25.97 -19.97 -5.92
C LEU A 974 -25.61 -20.74 -7.18
N ASP A 975 -25.45 -22.06 -7.06
CA ASP A 975 -25.14 -22.88 -8.23
C ASP A 975 -26.22 -22.73 -9.28
N HIS A 976 -27.49 -22.83 -8.86
CA HIS A 976 -28.58 -22.71 -9.83
C HIS A 976 -28.59 -21.33 -10.48
N VAL A 977 -28.38 -20.28 -9.69
CA VAL A 977 -28.40 -18.92 -10.23
C VAL A 977 -27.31 -18.75 -11.27
N LEU A 978 -26.10 -19.24 -10.98
CA LEU A 978 -25.02 -19.12 -11.95
C LEU A 978 -25.22 -20.03 -13.15
N ARG A 979 -25.90 -21.17 -12.98
CA ARG A 979 -26.25 -21.98 -14.15
C ARG A 979 -27.20 -21.23 -15.06
N VAL A 980 -28.19 -20.54 -14.49
CA VAL A 980 -29.14 -19.80 -15.32
C VAL A 980 -28.47 -18.58 -15.95
N LEU A 981 -27.62 -17.89 -15.19
CA LEU A 981 -26.92 -16.71 -15.67
C LEU A 981 -25.73 -17.03 -16.55
N ALA A 982 -25.58 -18.28 -17.00
CA ALA A 982 -24.48 -18.68 -17.87
C ALA A 982 -24.92 -18.88 -19.31
N GLY A 983 -26.01 -19.61 -19.54
CA GLY A 983 -26.55 -19.76 -20.86
C GLY A 983 -26.39 -21.16 -21.43
N PRO A 984 -25.63 -21.29 -22.52
CA PRO A 984 -25.53 -22.59 -23.20
C PRO A 984 -24.73 -23.62 -22.43
N GLU A 985 -25.41 -24.58 -21.83
CA GLU A 985 -24.80 -25.71 -21.13
C GLU A 985 -23.98 -25.27 -19.92
N SER A 986 -23.93 -23.96 -19.69
CA SER A 986 -23.48 -23.35 -18.44
C SER A 986 -22.00 -23.67 -18.17
N VAL A 987 -21.64 -23.70 -16.88
CA VAL A 987 -20.24 -23.77 -16.48
C VAL A 987 -19.61 -25.06 -16.96
N GLU A 988 -20.39 -26.13 -17.07
CA GLU A 988 -19.84 -27.41 -17.52
C GLU A 988 -19.13 -27.26 -18.86
N ASP A 989 -19.89 -26.91 -19.91
CA ASP A 989 -19.27 -26.79 -21.23
C ASP A 989 -18.35 -25.59 -21.30
N HIS A 990 -18.62 -24.53 -20.53
CA HIS A 990 -17.73 -23.38 -20.53
C HIS A 990 -16.32 -23.78 -20.10
N VAL A 991 -16.21 -24.47 -18.96
CA VAL A 991 -14.91 -24.91 -18.48
C VAL A 991 -14.34 -25.99 -19.41
N ARG A 992 -15.19 -26.87 -19.92
CA ARG A 992 -14.70 -27.92 -20.82
C ARG A 992 -14.04 -27.31 -22.04
N GLY A 993 -14.61 -26.24 -22.58
CA GLY A 993 -13.94 -25.50 -23.64
C GLY A 993 -12.68 -24.81 -23.14
N ARG A 994 -12.72 -24.28 -21.92
CA ARG A 994 -11.54 -23.57 -21.41
C ARG A 994 -10.49 -24.53 -20.86
N ALA A 995 -10.88 -25.46 -20.01
CA ALA A 995 -9.92 -26.37 -19.40
C ALA A 995 -9.37 -27.34 -20.44
N VAL A 996 -8.14 -27.81 -20.18
CA VAL A 996 -7.43 -28.69 -21.08
C VAL A 996 -7.36 -30.12 -20.55
N GLY A 997 -8.07 -30.42 -19.47
CA GLY A 997 -8.06 -31.75 -18.92
C GLY A 997 -8.99 -31.92 -17.73
N VAL A 998 -9.56 -33.12 -17.60
CA VAL A 998 -10.52 -33.43 -16.55
C VAL A 998 -10.03 -34.65 -15.80
N SER A 999 -10.03 -34.58 -14.47
CA SER A 999 -9.69 -35.72 -13.62
C SER A 999 -11.01 -36.28 -13.09
N THR A 1000 -11.55 -37.25 -13.81
CA THR A 1000 -12.85 -37.83 -13.47
C THR A 1000 -12.69 -38.84 -12.35
N LYS A 1001 -13.74 -39.61 -12.07
CA LYS A 1001 -13.70 -40.62 -11.03
C LYS A 1001 -12.79 -41.79 -11.40
N SER A 1002 -12.38 -41.90 -12.65
CA SER A 1002 -11.54 -43.00 -13.11
C SER A 1002 -10.12 -42.53 -13.45
N GLY A 1003 -9.98 -41.54 -14.32
CA GLY A 1003 -8.66 -41.09 -14.74
C GLY A 1003 -8.69 -39.64 -15.17
N ILE A 1004 -7.49 -39.14 -15.47
CA ILE A 1004 -7.31 -37.73 -15.87
C ILE A 1004 -7.36 -37.69 -17.39
N VAL A 1005 -8.54 -37.41 -17.92
CA VAL A 1005 -8.72 -37.28 -19.36
C VAL A 1005 -8.47 -35.83 -19.76
N ALA A 1006 -7.67 -35.65 -20.82
CA ALA A 1006 -7.29 -34.32 -21.30
C ALA A 1006 -7.85 -34.11 -22.69
N ILE A 1007 -8.59 -33.01 -22.87
CA ILE A 1007 -9.11 -32.61 -24.17
C ILE A 1007 -8.85 -31.12 -24.35
N PRO A 1008 -8.13 -30.71 -25.41
CA PRO A 1008 -7.81 -29.30 -25.67
C PRO A 1008 -9.06 -28.44 -25.88
N THR B 755 -28.08 -17.29 19.88
CA THR B 755 -28.20 -18.59 19.24
C THR B 755 -29.17 -19.47 20.01
N ALA B 756 -30.44 -19.45 19.60
CA ALA B 756 -31.48 -20.22 20.27
C ALA B 756 -32.13 -21.27 19.40
N ARG B 757 -32.13 -21.11 18.07
CA ARG B 757 -32.76 -22.10 17.20
C ARG B 757 -31.98 -23.41 17.22
N LEU B 758 -30.65 -23.33 17.36
CA LEU B 758 -29.87 -24.54 17.54
C LEU B 758 -30.24 -25.27 18.83
N GLU B 759 -30.48 -24.52 19.91
CA GLU B 759 -30.94 -25.14 21.15
C GLU B 759 -32.37 -25.63 21.04
N ARG B 760 -33.18 -24.99 20.18
CA ARG B 760 -34.49 -25.55 19.86
C ARG B 760 -34.34 -26.89 19.16
N MET B 761 -33.33 -27.03 18.32
CA MET B 761 -33.10 -28.29 17.63
C MET B 761 -32.46 -29.33 18.55
N ILE B 762 -31.26 -29.04 19.04
CA ILE B 762 -30.49 -29.99 19.83
C ILE B 762 -30.48 -29.56 21.29
N GLY B 763 -30.08 -30.50 22.15
CA GLY B 763 -30.15 -30.24 23.58
C GLY B 763 -29.21 -29.13 24.02
N ALA B 764 -29.60 -28.44 25.09
CA ALA B 764 -28.80 -27.34 25.61
C ALA B 764 -27.43 -27.83 26.09
N ASP B 765 -27.39 -29.03 26.67
CA ASP B 765 -26.11 -29.60 27.08
C ASP B 765 -25.13 -29.60 25.92
N VAL B 766 -25.59 -30.03 24.74
CA VAL B 766 -24.75 -29.95 23.55
C VAL B 766 -24.45 -28.50 23.20
N VAL B 767 -25.37 -27.58 23.46
CA VAL B 767 -25.16 -26.18 23.09
C VAL B 767 -23.97 -25.60 23.85
N GLN B 768 -23.95 -25.78 25.18
CA GLN B 768 -22.77 -25.31 25.92
C GLN B 768 -21.59 -26.27 25.86
N ARG B 769 -21.76 -27.48 25.31
CA ARG B 769 -20.59 -28.27 24.95
C ARG B 769 -19.88 -27.66 23.74
N ILE B 770 -20.64 -27.25 22.74
CA ILE B 770 -20.06 -26.56 21.59
C ILE B 770 -19.51 -25.20 22.00
N ALA B 771 -20.24 -24.48 22.85
CA ALA B 771 -19.78 -23.18 23.31
C ALA B 771 -18.47 -23.29 24.07
N ARG B 772 -18.35 -24.29 24.93
CA ARG B 772 -17.08 -24.58 25.58
C ARG B 772 -16.25 -25.50 24.68
N GLY B 773 -16.11 -25.11 23.42
CA GLY B 773 -15.37 -25.90 22.45
C GLY B 773 -14.20 -25.10 21.89
N ARG B 774 -13.09 -25.77 21.65
CA ARG B 774 -11.88 -25.14 21.15
C ARG B 774 -11.51 -25.78 19.82
N VAL B 775 -11.34 -24.96 18.80
CA VAL B 775 -11.02 -25.42 17.45
C VAL B 775 -9.92 -24.53 16.88
N LEU B 776 -8.95 -25.15 16.21
CA LEU B 776 -7.85 -24.45 15.57
C LEU B 776 -8.00 -24.57 14.06
N VAL B 777 -7.91 -23.44 13.36
CA VAL B 777 -8.09 -23.40 11.92
C VAL B 777 -6.78 -22.93 11.30
N CYS B 778 -6.21 -23.76 10.43
CA CYS B 778 -5.02 -23.39 9.68
C CYS B 778 -5.42 -22.96 8.27
N GLY B 779 -4.63 -22.05 7.70
CA GLY B 779 -4.79 -21.69 6.31
C GLY B 779 -6.11 -21.01 5.99
N LEU B 780 -6.28 -19.77 6.45
CA LEU B 780 -7.52 -19.04 6.20
C LEU B 780 -7.53 -18.47 4.79
N GLY B 781 -7.28 -19.32 3.80
CA GLY B 781 -7.24 -18.90 2.41
C GLY B 781 -8.10 -19.78 1.54
N GLY B 782 -9.27 -20.17 2.06
CA GLY B 782 -10.10 -21.15 1.42
C GLY B 782 -11.27 -21.54 2.31
N ALA B 783 -11.47 -22.83 2.51
CA ALA B 783 -12.58 -23.31 3.33
C ALA B 783 -12.43 -22.99 4.81
N GLY B 784 -11.46 -22.20 5.24
CA GLY B 784 -11.29 -21.91 6.64
C GLY B 784 -12.06 -20.70 7.14
N ALA B 785 -11.88 -19.56 6.47
CA ALA B 785 -12.55 -18.32 6.90
C ALA B 785 -14.07 -18.42 6.86
N PRO B 786 -14.71 -18.93 5.80
CA PRO B 786 -16.15 -19.18 5.90
C PRO B 786 -16.50 -20.11 7.04
N LEU B 787 -15.68 -21.14 7.26
CA LEU B 787 -15.87 -22.00 8.41
C LEU B 787 -15.77 -21.20 9.71
N VAL B 788 -14.90 -20.20 9.74
CA VAL B 788 -14.78 -19.36 10.93
C VAL B 788 -16.07 -18.59 11.18
N ASP B 789 -16.63 -18.00 10.11
CA ASP B 789 -17.92 -17.32 10.24
C ASP B 789 -18.99 -18.27 10.77
N MET B 790 -19.08 -19.45 10.16
CA MET B 790 -20.10 -20.42 10.56
C MET B 790 -19.93 -20.83 12.01
N ALA B 791 -18.68 -21.02 12.45
CA ALA B 791 -18.41 -21.45 13.81
C ALA B 791 -18.76 -20.35 14.81
N VAL B 792 -18.33 -19.12 14.54
CA VAL B 792 -18.59 -18.04 15.51
C VAL B 792 -20.06 -17.71 15.56
N ARG B 793 -20.79 -17.90 14.46
CA ARG B 793 -22.24 -17.69 14.50
C ARG B 793 -22.95 -18.86 15.18
N ALA B 794 -22.43 -20.07 15.04
CA ALA B 794 -23.05 -21.22 15.70
C ALA B 794 -22.88 -21.17 17.21
N GLY B 795 -21.80 -20.55 17.69
CA GLY B 795 -21.59 -20.42 19.12
C GLY B 795 -20.27 -20.99 19.58
N VAL B 796 -19.34 -21.20 18.65
CA VAL B 796 -18.03 -21.74 18.98
C VAL B 796 -17.24 -20.69 19.76
N GLY B 797 -16.40 -21.16 20.69
CA GLY B 797 -15.67 -20.30 21.59
C GLY B 797 -14.26 -19.99 21.12
N ARG B 798 -13.28 -20.69 21.68
CA ARG B 798 -11.89 -20.50 21.29
C ARG B 798 -11.68 -20.85 19.81
N LEU B 799 -10.97 -20.00 19.09
CA LEU B 799 -10.54 -20.29 17.73
C LEU B 799 -9.04 -20.09 17.59
N GLY B 800 -8.44 -20.86 16.69
CA GLY B 800 -7.00 -20.90 16.53
C GLY B 800 -6.49 -20.46 15.17
N LEU B 801 -7.01 -19.34 14.66
CA LEU B 801 -6.65 -18.87 13.32
C LEU B 801 -5.14 -18.85 13.14
N LEU B 802 -4.69 -19.27 11.96
CA LEU B 802 -3.27 -19.35 11.65
C LEU B 802 -3.08 -19.15 10.16
N ASP B 803 -2.69 -17.93 9.76
CA ASP B 803 -2.41 -17.63 8.36
C ASP B 803 -1.59 -16.36 8.26
N PRO B 804 -0.47 -16.38 7.52
CA PRO B 804 0.41 -15.20 7.48
C PRO B 804 0.14 -14.23 6.34
N ASP B 805 -0.73 -14.57 5.40
CA ASP B 805 -0.92 -13.76 4.21
C ASP B 805 -1.94 -12.65 4.46
N ARG B 806 -2.11 -11.79 3.46
CA ARG B 806 -3.07 -10.70 3.50
C ARG B 806 -4.12 -10.92 2.41
N VAL B 807 -5.33 -10.42 2.66
CA VAL B 807 -6.44 -10.67 1.75
C VAL B 807 -6.23 -9.94 0.44
N ASP B 808 -6.71 -10.53 -0.65
CA ASP B 808 -6.74 -9.94 -1.97
C ASP B 808 -8.19 -9.95 -2.46
N LEU B 809 -8.39 -9.53 -3.72
CA LEU B 809 -9.73 -9.54 -4.29
C LEU B 809 -10.22 -10.96 -4.49
N SER B 810 -9.33 -11.88 -4.88
CA SER B 810 -9.70 -13.29 -4.90
C SER B 810 -10.00 -13.79 -3.50
N ASN B 811 -9.19 -13.40 -2.52
CA ASN B 811 -9.53 -13.69 -1.14
C ASN B 811 -10.82 -12.98 -0.72
N LEU B 812 -11.15 -11.87 -1.39
CA LEU B 812 -12.42 -11.21 -1.15
C LEU B 812 -13.59 -12.07 -1.62
N VAL B 813 -13.45 -12.71 -2.79
CA VAL B 813 -14.56 -13.54 -3.25
C VAL B 813 -14.63 -14.84 -2.44
N ARG B 814 -13.51 -15.28 -1.87
CA ARG B 814 -13.55 -16.44 -0.99
C ARG B 814 -14.28 -16.13 0.31
N MET B 815 -13.77 -15.17 1.09
CA MET B 815 -14.36 -15.24 2.43
C MET B 815 -15.38 -14.13 2.65
N PRO B 816 -16.44 -14.44 3.40
CA PRO B 816 -17.39 -13.40 3.78
C PRO B 816 -16.79 -12.30 4.63
N GLN B 817 -15.83 -12.62 5.50
CA GLN B 817 -15.21 -11.61 6.34
C GLN B 817 -14.23 -10.78 5.53
N ALA B 818 -14.72 -9.95 4.62
CA ALA B 818 -13.85 -9.10 3.84
C ALA B 818 -14.68 -8.02 3.17
N THR B 819 -13.99 -6.96 2.73
CA THR B 819 -14.62 -5.81 2.10
C THR B 819 -13.55 -5.13 1.27
N LEU B 820 -14.00 -4.39 0.24
CA LEU B 820 -13.05 -3.64 -0.58
C LEU B 820 -12.23 -2.67 0.25
N ALA B 821 -12.76 -2.22 1.39
CA ALA B 821 -12.01 -1.39 2.31
C ALA B 821 -11.05 -2.20 3.17
N ASP B 822 -11.08 -3.52 3.10
CA ASP B 822 -10.25 -4.39 3.91
C ASP B 822 -9.12 -5.05 3.12
N VAL B 823 -8.91 -4.64 1.86
CA VAL B 823 -7.87 -5.26 1.04
C VAL B 823 -6.50 -4.95 1.62
N ASP B 824 -5.59 -5.93 1.50
CA ASP B 824 -4.22 -5.92 1.99
C ASP B 824 -4.13 -5.98 3.51
N ARG B 825 -5.26 -5.92 4.22
CA ARG B 825 -5.24 -6.15 5.65
C ARG B 825 -4.97 -7.62 5.93
N ARG B 826 -4.36 -7.88 7.10
CA ARG B 826 -4.02 -9.25 7.44
C ARG B 826 -5.28 -10.09 7.59
N LYS B 827 -5.22 -11.32 7.07
CA LYS B 827 -6.39 -12.21 7.09
C LYS B 827 -6.88 -12.43 8.50
N ILE B 828 -5.95 -12.73 9.42
CA ILE B 828 -6.34 -13.00 10.80
C ILE B 828 -6.98 -11.78 11.43
N ASP B 829 -6.45 -10.59 11.14
CA ASP B 829 -6.99 -9.37 11.74
C ASP B 829 -8.45 -9.18 11.34
N VAL B 830 -8.74 -9.26 10.04
CA VAL B 830 -10.10 -9.04 9.54
C VAL B 830 -11.03 -10.13 10.07
N VAL B 831 -10.58 -11.38 10.00
CA VAL B 831 -11.41 -12.49 10.44
C VAL B 831 -11.73 -12.37 11.92
N ALA B 832 -10.72 -12.04 12.74
CA ALA B 832 -10.93 -11.93 14.18
C ALA B 832 -11.83 -10.75 14.52
N GLU B 833 -11.66 -9.60 13.85
CA GLU B 833 -12.50 -8.46 14.16
C GLU B 833 -13.95 -8.73 13.77
N ARG B 834 -14.16 -9.41 12.63
CA ARG B 834 -15.53 -9.76 12.27
C ARG B 834 -16.13 -10.76 13.24
N ALA B 835 -15.34 -11.74 13.69
CA ALA B 835 -15.84 -12.71 14.65
C ALA B 835 -16.20 -12.03 15.97
N ARG B 836 -15.37 -11.08 16.42
CA ARG B 836 -15.68 -10.34 17.63
C ARG B 836 -16.92 -9.46 17.46
N ALA B 837 -17.11 -8.90 16.27
CA ALA B 837 -18.33 -8.16 16.00
C ALA B 837 -19.55 -9.07 16.08
N VAL B 838 -19.43 -10.29 15.55
CA VAL B 838 -20.53 -11.25 15.66
C VAL B 838 -20.75 -11.66 17.11
N ASN B 839 -19.67 -11.90 17.85
CA ASN B 839 -19.78 -12.31 19.25
C ASN B 839 -18.62 -11.70 20.02
N PRO B 840 -18.86 -10.61 20.76
CA PRO B 840 -17.79 -10.01 21.57
C PRO B 840 -17.26 -10.93 22.65
N ASP B 841 -18.05 -11.91 23.09
CA ASP B 841 -17.64 -12.85 24.13
C ASP B 841 -16.72 -13.94 23.61
N ALA B 842 -16.21 -13.80 22.38
CA ALA B 842 -15.36 -14.82 21.78
C ALA B 842 -13.96 -14.77 22.40
N ASP B 843 -13.14 -15.75 22.03
CA ASP B 843 -11.78 -15.90 22.53
C ASP B 843 -10.81 -16.13 21.39
N LEU B 844 -10.89 -15.27 20.37
CA LEU B 844 -10.04 -15.41 19.20
C LEU B 844 -8.57 -15.28 19.58
N THR B 845 -7.72 -16.02 18.87
CA THR B 845 -6.29 -16.04 19.15
C THR B 845 -5.52 -15.87 17.86
N LEU B 846 -4.82 -14.75 17.73
CA LEU B 846 -3.97 -14.52 16.56
C LEU B 846 -2.72 -15.38 16.64
N LEU B 847 -2.30 -15.92 15.51
CA LEU B 847 -1.10 -16.74 15.48
C LEU B 847 -0.08 -16.30 14.43
N ALA B 848 -0.54 -15.85 13.25
CA ALA B 848 0.32 -15.66 12.09
C ALA B 848 1.06 -16.96 11.81
N HIS B 849 2.38 -16.99 12.04
CA HIS B 849 3.15 -18.23 12.10
C HIS B 849 3.07 -19.00 10.77
N ARG B 850 3.70 -18.41 9.75
CA ARG B 850 3.83 -19.08 8.46
C ARG B 850 4.30 -20.52 8.66
N ILE B 851 3.85 -21.40 7.76
CA ILE B 851 3.80 -22.82 8.05
C ILE B 851 4.93 -23.57 7.34
N THR B 852 6.05 -22.89 7.12
CA THR B 852 7.24 -23.56 6.61
C THR B 852 7.63 -24.69 7.56
N PRO B 853 8.10 -25.84 7.05
CA PRO B 853 8.30 -27.00 7.91
C PRO B 853 9.47 -26.88 8.87
N ASP B 854 9.50 -25.78 9.62
CA ASP B 854 10.45 -25.60 10.71
C ASP B 854 9.78 -25.16 12.00
N PHE B 855 8.73 -24.36 11.92
CA PHE B 855 8.08 -23.80 13.10
C PHE B 855 7.11 -24.80 13.72
N ASP B 856 7.18 -24.94 15.04
CA ASP B 856 6.32 -25.89 15.74
C ASP B 856 5.76 -25.39 17.07
N MET B 857 5.93 -24.12 17.43
CA MET B 857 5.26 -23.61 18.62
C MET B 857 3.75 -23.51 18.38
N GLY B 858 3.35 -23.18 17.15
CA GLY B 858 1.94 -23.31 16.79
C GLY B 858 1.45 -24.73 16.94
N ALA B 859 2.34 -25.71 16.76
CA ALA B 859 2.00 -27.09 17.04
C ALA B 859 1.84 -27.33 18.55
N LEU B 860 2.63 -26.64 19.36
CA LEU B 860 2.42 -26.66 20.81
C LEU B 860 1.01 -26.19 21.14
N ARG B 861 0.62 -25.03 20.60
CA ARG B 861 -0.73 -24.55 20.79
C ARG B 861 -1.76 -25.51 20.20
N ALA B 862 -1.39 -26.20 19.12
CA ALA B 862 -2.32 -27.13 18.46
C ALA B 862 -2.67 -28.28 19.38
N HIS B 863 -1.67 -28.96 19.94
CA HIS B 863 -2.02 -30.04 20.86
C HIS B 863 -2.64 -29.49 22.12
N GLU B 864 -2.37 -28.22 22.45
CA GLU B 864 -3.09 -27.58 23.55
C GLU B 864 -4.57 -27.49 23.25
N TYR B 865 -4.93 -27.34 21.97
CA TYR B 865 -6.33 -27.19 21.57
C TYR B 865 -7.03 -28.55 21.56
N ASP B 866 -8.27 -28.55 21.10
CA ASP B 866 -9.11 -29.76 21.10
C ASP B 866 -9.28 -30.35 19.70
N ILE B 867 -9.75 -29.57 18.74
CA ILE B 867 -10.01 -30.03 17.38
C ILE B 867 -9.22 -29.17 16.42
N ILE B 868 -8.44 -29.81 15.55
CA ILE B 868 -7.58 -29.12 14.61
C ILE B 868 -8.22 -29.21 13.22
N VAL B 869 -8.43 -28.07 12.60
CA VAL B 869 -8.96 -27.99 11.24
C VAL B 869 -7.84 -27.55 10.32
N ASP B 870 -7.57 -28.34 9.29
CA ASP B 870 -6.49 -28.06 8.34
C ASP B 870 -7.08 -27.56 7.03
N ALA B 871 -6.68 -26.35 6.64
CA ALA B 871 -7.07 -25.79 5.35
C ALA B 871 -5.91 -25.07 4.69
N VAL B 872 -4.70 -25.57 4.89
CA VAL B 872 -3.51 -24.91 4.35
C VAL B 872 -3.50 -25.05 2.83
N ASP B 873 -3.31 -23.92 2.14
CA ASP B 873 -3.26 -23.93 0.69
C ASP B 873 -1.98 -24.58 0.16
N ASP B 874 -0.94 -24.66 0.97
CA ASP B 874 0.31 -25.30 0.55
C ASP B 874 0.28 -26.77 0.94
N PRO B 875 0.44 -27.70 -0.01
CA PRO B 875 0.45 -29.13 0.37
C PRO B 875 1.54 -29.48 1.36
N ALA B 876 2.68 -28.80 1.33
CA ALA B 876 3.74 -29.06 2.31
C ALA B 876 3.27 -28.76 3.73
N GLY B 877 2.62 -27.62 3.92
CA GLY B 877 2.06 -27.31 5.22
C GLY B 877 0.99 -28.29 5.64
N LYS B 878 0.15 -28.71 4.69
CA LYS B 878 -0.89 -29.68 4.98
C LYS B 878 -0.30 -30.99 5.47
N VAL B 879 0.73 -31.51 4.78
CA VAL B 879 1.31 -32.77 5.19
C VAL B 879 2.08 -32.61 6.49
N ALA B 880 2.68 -31.45 6.74
CA ALA B 880 3.32 -31.22 8.03
C ALA B 880 2.31 -31.27 9.18
N LEU B 881 1.18 -30.61 9.00
CA LEU B 881 0.13 -30.66 10.02
C LEU B 881 -0.40 -32.08 10.22
N ILE B 882 -0.61 -32.80 9.12
CA ILE B 882 -1.10 -34.17 9.24
C ILE B 882 -0.10 -35.03 9.97
N LYS B 883 1.19 -34.89 9.64
CA LYS B 883 2.24 -35.64 10.34
C LYS B 883 2.21 -35.33 11.83
N TYR B 884 2.16 -34.05 12.18
CA TYR B 884 2.22 -33.68 13.60
C TYR B 884 1.01 -34.22 14.35
N ALA B 885 -0.18 -34.08 13.76
CA ALA B 885 -1.40 -34.55 14.42
C ALA B 885 -1.42 -36.07 14.56
N VAL B 886 -0.96 -36.79 13.53
CA VAL B 886 -0.91 -38.24 13.61
C VAL B 886 0.08 -38.69 14.67
N GLU B 887 1.26 -38.05 14.72
CA GLU B 887 2.25 -38.40 15.72
C GLU B 887 1.73 -38.14 17.13
N ASN B 888 1.01 -37.04 17.32
CA ASN B 888 0.49 -36.69 18.64
C ASN B 888 -0.97 -37.10 18.85
N LYS B 889 -1.52 -37.89 17.93
CA LYS B 889 -2.89 -38.42 18.06
C LYS B 889 -3.90 -37.30 18.27
N LEU B 890 -3.73 -36.23 17.53
CA LEU B 890 -4.71 -35.17 17.68
C LEU B 890 -5.85 -35.33 16.68
N PRO B 891 -7.08 -34.97 17.06
CA PRO B 891 -8.20 -35.04 16.11
C PRO B 891 -8.08 -33.96 15.04
N LEU B 892 -7.74 -34.36 13.82
CA LEU B 892 -7.49 -33.43 12.73
C LEU B 892 -8.40 -33.74 11.55
N ILE B 893 -8.93 -32.69 10.93
CA ILE B 893 -9.74 -32.79 9.72
C ILE B 893 -9.03 -31.99 8.65
N SER B 894 -8.56 -32.66 7.60
CA SER B 894 -7.77 -32.04 6.55
C SER B 894 -8.66 -31.83 5.33
N CYS B 895 -9.10 -30.60 5.14
CA CYS B 895 -9.88 -30.25 3.95
C CYS B 895 -8.95 -29.97 2.79
N MET B 896 -9.16 -30.67 1.68
CA MET B 896 -8.39 -30.46 0.47
C MET B 896 -8.93 -29.30 -0.36
N GLY B 897 -9.71 -28.41 0.23
CA GLY B 897 -10.23 -27.26 -0.48
C GLY B 897 -11.30 -27.64 -1.48
N ALA B 898 -11.62 -26.66 -2.32
CA ALA B 898 -12.63 -26.85 -3.35
C ALA B 898 -12.28 -26.20 -4.67
N GLY B 899 -11.05 -25.71 -4.83
CA GLY B 899 -10.67 -25.11 -6.09
C GLY B 899 -10.69 -26.12 -7.22
N ASN B 900 -11.07 -25.65 -8.39
CA ASN B 900 -11.16 -26.40 -9.65
C ASN B 900 -12.34 -27.35 -9.69
N LYS B 901 -13.10 -27.49 -8.60
CA LYS B 901 -14.31 -28.30 -8.64
C LYS B 901 -15.46 -27.53 -9.29
N THR B 902 -16.40 -28.27 -9.84
CA THR B 902 -17.54 -27.64 -10.52
C THR B 902 -18.87 -28.21 -10.07
N ASP B 903 -18.89 -29.50 -9.73
CA ASP B 903 -20.12 -30.23 -9.55
C ASP B 903 -20.75 -29.98 -8.18
N VAL B 904 -22.07 -30.04 -8.14
CA VAL B 904 -22.84 -29.81 -6.93
C VAL B 904 -23.75 -30.96 -6.56
N THR B 905 -24.16 -31.79 -7.53
CA THR B 905 -25.06 -32.91 -7.23
C THR B 905 -24.45 -33.84 -6.21
N GLN B 906 -23.15 -34.13 -6.33
CA GLN B 906 -22.41 -34.86 -5.32
C GLN B 906 -21.58 -33.87 -4.51
N VAL B 907 -21.64 -34.00 -3.19
CA VAL B 907 -21.03 -33.01 -2.31
C VAL B 907 -19.84 -33.60 -1.57
N HIS B 908 -19.14 -32.76 -0.82
CA HIS B 908 -18.02 -33.22 -0.01
C HIS B 908 -18.52 -34.13 1.10
N ARG B 909 -17.80 -35.21 1.34
CA ARG B 909 -18.10 -36.12 2.44
C ARG B 909 -16.82 -36.51 3.14
N VAL B 910 -16.91 -36.68 4.45
CA VAL B 910 -15.74 -36.93 5.30
C VAL B 910 -15.39 -38.41 5.21
N VAL B 911 -14.26 -38.70 4.57
CA VAL B 911 -13.78 -40.07 4.42
C VAL B 911 -12.33 -40.12 4.90
N ASP B 912 -11.83 -41.32 5.08
CA ASP B 912 -10.44 -41.50 5.46
C ASP B 912 -9.52 -41.16 4.28
N ILE B 913 -8.27 -40.85 4.62
CA ILE B 913 -7.28 -40.52 3.60
C ILE B 913 -7.02 -41.70 2.67
N ALA B 914 -7.23 -42.92 3.16
CA ALA B 914 -7.04 -44.10 2.32
C ALA B 914 -7.98 -44.09 1.14
N ASP B 915 -9.23 -43.69 1.35
CA ASP B 915 -10.24 -43.68 0.31
C ASP B 915 -10.29 -42.37 -0.48
N ALA B 916 -9.37 -41.44 -0.21
CA ALA B 916 -9.31 -40.21 -0.99
C ALA B 916 -9.07 -40.52 -2.46
N ASP B 917 -9.78 -39.81 -3.33
CA ASP B 917 -9.76 -40.14 -4.76
C ASP B 917 -10.08 -38.91 -5.57
N VAL B 918 -9.80 -39.00 -6.86
CA VAL B 918 -10.21 -38.03 -7.88
C VAL B 918 -9.53 -36.67 -7.68
N CYS B 919 -9.72 -36.07 -6.51
CA CYS B 919 -9.18 -34.74 -6.27
C CYS B 919 -7.66 -34.73 -6.41
N LEU B 920 -7.14 -33.78 -7.19
CA LEU B 920 -5.70 -33.70 -7.42
C LEU B 920 -4.96 -33.40 -6.12
N LEU B 921 -5.45 -32.44 -5.34
CA LEU B 921 -4.81 -32.11 -4.09
C LEU B 921 -4.86 -33.27 -3.11
N ALA B 922 -5.98 -33.98 -3.07
CA ALA B 922 -6.09 -35.16 -2.23
C ALA B 922 -5.07 -36.22 -2.62
N LEU B 923 -4.90 -36.44 -3.93
CA LEU B 923 -3.93 -37.42 -4.40
C LEU B 923 -2.50 -36.99 -4.06
N GLU B 924 -2.19 -35.71 -4.22
CA GLU B 924 -0.85 -35.22 -3.89
C GLU B 924 -0.56 -35.39 -2.40
N THR B 925 -1.51 -35.04 -1.54
CA THR B 925 -1.32 -35.20 -0.11
C THR B 925 -1.22 -36.68 0.26
N LYS B 926 -2.00 -37.53 -0.41
CA LYS B 926 -1.91 -38.97 -0.16
C LYS B 926 -0.52 -39.49 -0.50
N ARG B 927 0.02 -39.05 -1.65
CA ARG B 927 1.37 -39.47 -2.03
C ARG B 927 2.40 -38.99 -1.01
N LEU B 928 2.29 -37.73 -0.58
CA LEU B 928 3.26 -37.20 0.37
C LEU B 928 3.18 -37.94 1.71
N LEU B 929 1.97 -38.23 2.18
CA LEU B 929 1.82 -38.94 3.44
C LEU B 929 2.31 -40.38 3.34
N ALA B 930 2.04 -41.05 2.21
CA ALA B 930 2.56 -42.39 2.02
C ALA B 930 4.08 -42.40 1.99
N LYS B 931 4.68 -41.41 1.33
CA LYS B 931 6.13 -41.27 1.37
C LYS B 931 6.62 -41.07 2.79
N GLU B 932 5.91 -40.24 3.57
CA GLU B 932 6.29 -40.02 4.95
C GLU B 932 6.05 -41.24 5.82
N GLY B 933 5.01 -42.02 5.52
CA GLY B 933 4.76 -43.27 6.23
C GLY B 933 3.38 -43.42 6.84
N ILE B 934 2.48 -42.45 6.72
CA ILE B 934 1.12 -42.55 7.27
C ILE B 934 0.15 -42.63 6.10
N THR B 935 -0.82 -43.56 6.20
CA THR B 935 -1.77 -43.77 5.12
C THR B 935 -3.21 -43.92 5.57
N ARG B 936 -3.51 -44.05 6.86
CA ARG B 936 -4.88 -44.25 7.29
C ARG B 936 -5.30 -43.44 8.51
N GLY B 937 -4.38 -42.79 9.23
CA GLY B 937 -4.74 -42.17 10.49
C GLY B 937 -5.66 -40.98 10.35
N VAL B 938 -5.41 -40.13 9.35
CA VAL B 938 -6.03 -38.81 9.27
C VAL B 938 -7.34 -38.87 8.50
N LYS B 939 -8.31 -38.07 8.92
CA LYS B 939 -9.54 -37.88 8.19
C LYS B 939 -9.33 -36.86 7.08
N CYS B 940 -10.30 -36.77 6.18
CA CYS B 940 -10.20 -35.82 5.07
C CYS B 940 -11.59 -35.52 4.55
N VAL B 941 -11.69 -34.44 3.79
CA VAL B 941 -12.93 -33.98 3.18
C VAL B 941 -12.68 -33.81 1.68
N VAL B 942 -13.26 -34.69 0.89
CA VAL B 942 -13.02 -34.73 -0.55
C VAL B 942 -14.38 -34.78 -1.27
N THR B 943 -14.38 -34.36 -2.53
CA THR B 943 -15.62 -34.33 -3.31
C THR B 943 -15.90 -35.65 -4.01
N GLN B 944 -14.87 -36.38 -4.41
CA GLN B 944 -15.00 -37.53 -5.30
C GLN B 944 -15.72 -37.13 -6.58
N GLY B 945 -15.46 -35.90 -7.04
CA GLY B 945 -16.10 -35.37 -8.21
C GLY B 945 -15.09 -34.70 -9.13
N ASP B 946 -15.59 -34.24 -10.27
CA ASP B 946 -14.72 -33.75 -11.34
C ASP B 946 -13.82 -32.61 -10.84
N HIS B 947 -12.54 -32.72 -11.16
CA HIS B 947 -11.52 -31.74 -10.76
C HIS B 947 -10.72 -31.38 -12.01
N TRP B 948 -11.08 -30.27 -12.63
CA TRP B 948 -10.41 -29.81 -13.84
C TRP B 948 -8.97 -29.40 -13.52
N VAL B 949 -8.08 -29.62 -14.48
CA VAL B 949 -6.66 -29.37 -14.27
C VAL B 949 -6.28 -28.01 -14.85
N PHE B 950 -7.02 -27.56 -15.85
CA PHE B 950 -6.79 -26.29 -16.52
C PHE B 950 -5.39 -26.21 -17.12
N ALA B 951 -4.98 -25.01 -17.55
CA ALA B 951 -3.72 -24.81 -18.23
C ALA B 951 -2.72 -24.10 -17.32
N PRO B 952 -1.43 -24.35 -17.50
CA PRO B 952 -0.42 -23.67 -16.66
C PRO B 952 -0.34 -22.20 -17.02
N GLN B 953 -0.68 -21.34 -16.05
CA GLN B 953 -0.58 -19.90 -16.21
C GLN B 953 0.10 -19.21 -15.04
N ASP B 954 0.11 -19.81 -13.86
CA ASP B 954 0.79 -19.23 -12.70
C ASP B 954 2.29 -19.08 -12.95
N VAL B 958 -4.34 -20.18 -11.89
CA VAL B 958 -5.17 -21.36 -12.13
C VAL B 958 -6.16 -21.51 -10.99
N ILE B 959 -5.74 -22.23 -9.95
CA ILE B 959 -6.50 -22.40 -8.71
C ILE B 959 -7.86 -23.04 -8.97
N GLY B 960 -8.77 -22.30 -9.60
CA GLY B 960 -10.14 -22.77 -9.71
C GLY B 960 -11.15 -21.81 -9.12
N ASN B 961 -11.70 -22.17 -7.96
CA ASN B 961 -12.63 -21.33 -7.21
C ASN B 961 -13.96 -21.12 -7.91
N TRP B 962 -14.71 -22.20 -8.12
CA TRP B 962 -16.14 -22.07 -8.41
C TRP B 962 -16.82 -21.67 -7.11
N PRO B 963 -17.48 -20.52 -7.05
CA PRO B 963 -17.88 -19.94 -5.76
C PRO B 963 -18.71 -20.88 -4.90
N PRO B 964 -19.67 -21.63 -5.45
CA PRO B 964 -20.43 -22.56 -4.60
C PRO B 964 -19.59 -23.66 -3.95
N CYS B 965 -18.46 -24.03 -4.55
CA CYS B 965 -17.71 -25.18 -4.03
C CYS B 965 -17.04 -24.87 -2.69
N TYR B 966 -16.48 -23.67 -2.53
CA TYR B 966 -15.89 -23.33 -1.25
C TYR B 966 -16.93 -23.28 -0.14
N PHE B 967 -18.14 -22.83 -0.42
CA PHE B 967 -19.16 -22.88 0.61
C PHE B 967 -19.68 -24.29 0.83
N MET B 968 -19.64 -25.13 -0.21
CA MET B 968 -19.85 -26.57 -0.02
C MET B 968 -18.90 -27.11 1.03
N ALA B 969 -17.60 -26.84 0.84
CA ALA B 969 -16.58 -27.32 1.76
C ALA B 969 -16.76 -26.70 3.14
N ALA B 970 -17.10 -25.43 3.20
CA ALA B 970 -17.31 -24.77 4.49
C ALA B 970 -18.47 -25.40 5.25
N ALA B 971 -19.56 -25.72 4.55
CA ALA B 971 -20.69 -26.37 5.21
C ALA B 971 -20.32 -27.77 5.70
N VAL B 972 -19.60 -28.54 4.88
CA VAL B 972 -19.22 -29.89 5.29
C VAL B 972 -18.29 -29.85 6.49
N LEU B 973 -17.30 -28.95 6.46
CA LEU B 973 -16.40 -28.79 7.59
C LEU B 973 -17.15 -28.32 8.83
N LEU B 974 -18.11 -27.41 8.66
CA LEU B 974 -18.95 -26.98 9.78
C LEU B 974 -19.63 -28.18 10.40
N ASP B 975 -20.23 -29.03 9.57
CA ASP B 975 -20.94 -30.19 10.09
C ASP B 975 -20.00 -31.12 10.84
N HIS B 976 -18.81 -31.38 10.28
CA HIS B 976 -17.89 -32.29 10.95
C HIS B 976 -17.37 -31.70 12.25
N VAL B 977 -17.09 -30.39 12.26
CA VAL B 977 -16.64 -29.73 13.48
C VAL B 977 -17.71 -29.81 14.55
N LEU B 978 -18.98 -29.68 14.17
CA LEU B 978 -20.05 -29.83 15.14
C LEU B 978 -20.19 -31.28 15.60
N ARG B 979 -19.94 -32.23 14.71
CA ARG B 979 -19.94 -33.64 15.11
C ARG B 979 -18.88 -33.91 16.17
N VAL B 980 -17.68 -33.39 15.96
CA VAL B 980 -16.57 -33.74 16.84
C VAL B 980 -16.52 -32.86 18.09
N LEU B 981 -17.06 -31.63 18.02
CA LEU B 981 -17.00 -30.74 19.17
C LEU B 981 -17.89 -31.23 20.30
N ALA B 982 -19.11 -31.67 19.98
CA ALA B 982 -19.93 -32.34 20.97
C ALA B 982 -19.26 -33.64 21.39
N GLY B 983 -19.27 -33.92 22.69
CA GLY B 983 -18.74 -35.16 23.21
C GLY B 983 -19.39 -36.31 22.48
N PRO B 984 -18.59 -37.33 22.09
CA PRO B 984 -19.09 -38.33 21.15
C PRO B 984 -20.42 -38.93 21.57
N GLU B 985 -21.47 -38.59 20.84
CA GLU B 985 -22.82 -39.01 21.19
C GLU B 985 -23.65 -39.36 19.95
N SER B 986 -23.13 -39.18 18.75
CA SER B 986 -23.89 -39.37 17.51
C SER B 986 -25.11 -38.46 17.49
N VAL B 987 -24.83 -37.16 17.39
CA VAL B 987 -25.79 -36.07 17.53
C VAL B 987 -27.11 -36.36 16.81
N GLU B 988 -27.05 -37.19 15.76
CA GLU B 988 -28.28 -37.72 15.18
C GLU B 988 -29.13 -38.40 16.24
N ASP B 989 -28.49 -39.18 17.12
CA ASP B 989 -29.22 -39.82 18.22
C ASP B 989 -29.78 -38.79 19.18
N HIS B 990 -29.03 -37.70 19.42
CA HIS B 990 -29.54 -36.65 20.30
C HIS B 990 -30.79 -36.01 19.74
N VAL B 991 -30.80 -35.73 18.43
CA VAL B 991 -32.01 -35.19 17.81
C VAL B 991 -33.13 -36.21 17.84
N ARG B 992 -32.80 -37.49 17.62
CA ARG B 992 -33.81 -38.54 17.68
C ARG B 992 -34.47 -38.60 19.05
N GLY B 993 -33.68 -38.52 20.11
CA GLY B 993 -34.21 -38.55 21.46
C GLY B 993 -34.75 -37.24 21.97
N ARG B 994 -34.56 -36.15 21.22
CA ARG B 994 -35.08 -34.85 21.60
C ARG B 994 -36.28 -34.40 20.76
N ALA B 995 -36.29 -34.72 19.47
CA ALA B 995 -37.38 -34.33 18.59
C ALA B 995 -38.48 -35.38 18.65
N VAL B 996 -39.53 -35.18 17.85
CA VAL B 996 -40.69 -36.07 17.83
C VAL B 996 -40.80 -36.80 16.49
N GLY B 997 -40.95 -36.06 15.40
CA GLY B 997 -41.11 -36.64 14.09
C GLY B 997 -39.78 -36.84 13.38
N VAL B 998 -39.74 -37.80 12.47
CA VAL B 998 -38.55 -38.15 11.71
C VAL B 998 -38.73 -37.86 10.22
N SER B 999 -39.83 -38.34 9.64
CA SER B 999 -40.22 -38.02 8.27
C SER B 999 -39.15 -38.45 7.26
N THR B 1000 -38.89 -39.76 7.23
CA THR B 1000 -38.09 -40.33 6.16
C THR B 1000 -38.97 -40.82 5.02
N LYS B 1001 -39.86 -41.76 5.33
CA LYS B 1001 -40.84 -42.26 4.35
C LYS B 1001 -42.18 -41.53 4.51
N SER B 1002 -42.77 -41.61 5.71
CA SER B 1002 -44.04 -40.94 5.98
C SER B 1002 -44.09 -40.22 7.31
N GLY B 1003 -43.14 -40.45 8.21
CA GLY B 1003 -43.16 -39.81 9.51
C GLY B 1003 -43.30 -40.79 10.66
N ILE B 1004 -42.26 -40.88 11.48
CA ILE B 1004 -42.21 -41.80 12.61
C ILE B 1004 -42.01 -41.01 13.89
N VAL B 1005 -42.81 -41.31 14.90
CA VAL B 1005 -42.70 -40.65 16.20
C VAL B 1005 -41.59 -41.31 17.02
MN MN C . 20.85 9.18 13.75
#